data_5XK6
#
_entry.id   5XK6
#
_cell.length_a   68.552
_cell.length_b   120.634
_cell.length_c   130.077
_cell.angle_alpha   90.00
_cell.angle_beta   90.00
_cell.angle_gamma   90.00
#
_symmetry.space_group_name_H-M   'P 21 21 21'
#
loop_
_entity.id
_entity.type
_entity.pdbx_description
1 polymer 'Undecaprenyl diphosphate synthase'
2 non-polymer 'MAGNESIUM ION'
3 non-polymer 'PYROPHOSPHATE 2-'
4 non-polymer 'SULFATE ION'
5 water water
#
_entity_poly.entity_id   1
_entity_poly.type   'polypeptide(L)'
_entity_poly.pdbx_seq_one_letter_code
;MAHHHHHHVDDDDKMMTNLMLLPDGMRRWSQKQGISLDDSYAAMTDKLVEFTGWAREEGFTTFYVTVSSVANYSRSEEQV
TTAMNAFTEVVRRCHDTLNFNYSGTLEVVPERWLTELEALRAKSDSQSDFTLHFIMGMSLAHEVIGIFNKFNGKIPALTE
ELLAANAYVPEPVDFLIRPGGHVRMSSFYPLMSPFAEMYFCPTLLNDMTRADFDVALEDLRERDRRYGLYPV
;
_entity_poly.pdbx_strand_id   A,B,C,D
#
loop_
_chem_comp.id
_chem_comp.type
_chem_comp.name
_chem_comp.formula
MG non-polymer 'MAGNESIUM ION' 'Mg 2'
POP non-polymer 'PYROPHOSPHATE 2-' 'H2 O7 P2 -2'
SO4 non-polymer 'SULFATE ION' 'O4 S -2'
#
# COMPACT_ATOMS: atom_id res chain seq x y z
N MET A 15 23.90 -13.26 13.43
CA MET A 15 22.84 -13.37 14.43
C MET A 15 21.66 -14.20 13.92
N MET A 16 21.15 -15.07 14.80
CA MET A 16 20.08 -16.01 14.47
C MET A 16 18.73 -15.32 14.44
N THR A 17 17.87 -15.76 13.51
CA THR A 17 16.49 -15.29 13.46
C THR A 17 15.53 -16.48 13.33
N ASN A 18 14.29 -16.27 13.77
CA ASN A 18 13.21 -17.22 13.57
C ASN A 18 12.04 -16.54 12.83
N LEU A 19 11.05 -17.36 12.45
CA LEU A 19 9.94 -16.89 11.62
C LEU A 19 8.66 -17.57 12.08
N MET A 20 7.56 -16.83 12.10
CA MET A 20 6.25 -17.37 12.44
C MET A 20 5.28 -17.07 11.30
N LEU A 21 4.43 -18.05 10.95
CA LEU A 21 3.39 -17.91 9.96
C LEU A 21 2.04 -18.13 10.62
N LEU A 22 1.10 -17.22 10.32
CA LEU A 22 -0.32 -17.31 10.68
C LEU A 22 -1.11 -17.76 9.47
N PRO A 23 -1.38 -19.05 9.30
CA PRO A 23 -2.16 -19.51 8.13
C PRO A 23 -3.56 -18.93 8.12
N ASP A 24 -3.99 -18.50 6.94
CA ASP A 24 -5.33 -17.96 6.79
C ASP A 24 -5.75 -18.08 5.33
N GLY A 25 -7.05 -18.21 5.13
CA GLY A 25 -7.63 -18.10 3.81
C GLY A 25 -8.15 -19.39 3.20
N MET A 26 -8.33 -20.46 3.99
CA MET A 26 -8.67 -21.75 3.37
C MET A 26 -10.10 -21.76 2.87
N ARG A 27 -11.04 -21.18 3.61
CA ARG A 27 -12.42 -21.18 3.13
C ARG A 27 -12.55 -20.33 1.87
N ARG A 28 -11.98 -19.11 1.87
CA ARG A 28 -12.01 -18.28 0.67
C ARG A 28 -11.34 -18.97 -0.49
N TRP A 29 -10.25 -19.69 -0.26
CA TRP A 29 -9.58 -20.34 -1.38
C TRP A 29 -10.45 -21.45 -1.93
N SER A 30 -11.17 -22.16 -1.07
CA SER A 30 -12.09 -23.18 -1.58
C SER A 30 -13.18 -22.54 -2.44
N GLN A 31 -13.65 -21.36 -2.06
CA GLN A 31 -14.63 -20.65 -2.88
C GLN A 31 -14.02 -20.21 -4.21
N LYS A 32 -12.82 -19.63 -4.14
CA LYS A 32 -12.12 -19.15 -5.34
C LYS A 32 -11.86 -20.27 -6.33
N GLN A 33 -11.41 -21.41 -5.84
CA GLN A 33 -11.03 -22.51 -6.72
C GLN A 33 -12.23 -23.38 -7.10
N GLY A 34 -13.36 -23.21 -6.43
CA GLY A 34 -14.51 -24.07 -6.69
C GLY A 34 -14.31 -25.49 -6.25
N ILE A 35 -13.73 -25.70 -5.07
CA ILE A 35 -13.41 -27.03 -4.57
C ILE A 35 -13.92 -27.13 -3.14
N SER A 36 -13.85 -28.34 -2.59
CA SER A 36 -14.30 -28.55 -1.22
C SER A 36 -13.32 -27.93 -0.22
N LEU A 37 -13.80 -27.73 1.00
CA LEU A 37 -12.91 -27.30 2.07
C LEU A 37 -11.80 -28.30 2.28
N ASP A 38 -12.11 -29.60 2.21
CA ASP A 38 -11.08 -30.61 2.36
C ASP A 38 -9.96 -30.43 1.34
N ASP A 39 -10.30 -30.17 0.08
CA ASP A 39 -9.27 -30.01 -0.94
C ASP A 39 -8.48 -28.72 -0.73
N SER A 40 -9.12 -27.67 -0.21
CA SER A 40 -8.37 -26.45 0.13
C SER A 40 -7.38 -26.74 1.26
N TYR A 41 -7.80 -27.53 2.25
CA TYR A 41 -6.85 -27.90 3.29
C TYR A 41 -5.77 -28.82 2.75
N ALA A 42 -6.06 -29.61 1.70
CA ALA A 42 -4.99 -30.42 1.12
C ALA A 42 -3.96 -29.51 0.45
N ALA A 43 -4.44 -28.47 -0.23
CA ALA A 43 -3.52 -27.49 -0.80
C ALA A 43 -2.75 -26.77 0.29
N MET A 44 -3.38 -26.53 1.45
CA MET A 44 -2.68 -25.88 2.57
C MET A 44 -1.56 -26.77 3.07
N THR A 45 -1.82 -28.08 3.21
CA THR A 45 -0.76 -28.99 3.62
C THR A 45 0.43 -28.87 2.66
N ASP A 46 0.14 -28.96 1.35
CA ASP A 46 1.22 -28.86 0.36
C ASP A 46 1.98 -27.54 0.53
N LYS A 47 1.24 -26.45 0.72
CA LYS A 47 1.84 -25.13 0.82
C LYS A 47 2.69 -25.00 2.06
N LEU A 48 2.24 -25.58 3.18
CA LEU A 48 3.01 -25.46 4.43
C LEU A 48 4.27 -26.30 4.38
N VAL A 49 4.25 -27.46 3.70
CA VAL A 49 5.49 -28.18 3.46
C VAL A 49 6.47 -27.31 2.66
N GLU A 50 5.97 -26.66 1.58
CA GLU A 50 6.80 -25.71 0.83
C GLU A 50 7.37 -24.64 1.74
N PHE A 51 6.50 -23.98 2.51
CA PHE A 51 6.91 -22.85 3.34
C PHE A 51 7.96 -23.27 4.35
N THR A 52 7.78 -24.47 4.93
CA THR A 52 8.76 -24.97 5.88
C THR A 52 10.13 -25.10 5.23
N GLY A 53 10.16 -25.61 4.01
CA GLY A 53 11.45 -25.70 3.31
C GLY A 53 12.04 -24.34 2.97
N TRP A 54 11.19 -23.38 2.55
CA TRP A 54 11.69 -22.02 2.28
C TRP A 54 12.29 -21.41 3.54
N ALA A 55 11.61 -21.56 4.68
CA ALA A 55 12.13 -21.01 5.91
C ALA A 55 13.47 -21.63 6.28
N ARG A 56 13.60 -22.97 6.11
CA ARG A 56 14.88 -23.59 6.40
C ARG A 56 15.97 -23.06 5.45
N GLU A 57 15.63 -22.94 4.16
CA GLU A 57 16.63 -22.48 3.18
C GLU A 57 17.12 -21.10 3.52
N GLU A 58 16.23 -20.27 4.10
CA GLU A 58 16.54 -18.90 4.46
C GLU A 58 17.25 -18.80 5.80
N GLY A 59 17.60 -19.90 6.45
CA GLY A 59 18.44 -19.82 7.63
C GLY A 59 17.71 -19.60 8.94
N PHE A 60 16.38 -19.60 8.94
CA PHE A 60 15.67 -19.44 10.20
C PHE A 60 15.92 -20.66 11.09
N THR A 61 16.09 -20.41 12.39
CA THR A 61 16.35 -21.47 13.35
C THR A 61 15.11 -22.29 13.66
N THR A 62 13.98 -21.62 13.83
CA THR A 62 12.70 -22.26 14.02
C THR A 62 11.70 -21.57 13.12
N PHE A 63 10.83 -22.39 12.54
CA PHE A 63 9.64 -21.92 11.84
C PHE A 63 8.43 -22.29 12.71
N TYR A 64 7.75 -21.27 13.24
CA TYR A 64 6.55 -21.43 14.06
C TYR A 64 5.31 -21.32 13.20
N VAL A 65 4.35 -22.23 13.38
CA VAL A 65 3.07 -22.15 12.70
C VAL A 65 1.97 -22.09 13.75
N THR A 66 1.12 -21.06 13.66
CA THR A 66 -0.01 -20.94 14.59
C THR A 66 -1.15 -21.79 14.04
N VAL A 67 -1.25 -23.03 14.51
CA VAL A 67 -2.18 -24.01 13.97
C VAL A 67 -3.63 -23.60 14.24
N SER A 68 -3.91 -23.12 15.44
CA SER A 68 -5.28 -22.91 15.83
C SER A 68 -5.35 -21.98 17.03
N SER A 69 -6.48 -21.33 17.14
CA SER A 69 -6.87 -20.61 18.34
C SER A 69 -7.74 -21.52 19.21
N VAL A 70 -8.02 -21.09 20.44
CA VAL A 70 -9.08 -21.76 21.19
C VAL A 70 -10.42 -21.62 20.47
N ALA A 71 -10.73 -20.43 19.92
CA ALA A 71 -12.02 -20.21 19.26
C ALA A 71 -12.25 -21.20 18.14
N ASN A 72 -11.18 -21.61 17.46
CA ASN A 72 -11.30 -22.54 16.33
C ASN A 72 -11.98 -23.83 16.71
N TYR A 73 -11.81 -24.28 17.95
CA TYR A 73 -12.38 -25.55 18.36
C TYR A 73 -13.87 -25.43 18.64
N SER A 74 -14.49 -24.25 18.43
CA SER A 74 -15.94 -24.13 18.41
C SER A 74 -16.53 -24.32 17.02
N ARG A 75 -15.69 -24.55 16.02
CA ARG A 75 -16.15 -24.99 14.71
C ARG A 75 -16.78 -26.39 14.83
N SER A 76 -17.42 -26.83 13.75
CA SER A 76 -18.05 -28.15 13.78
C SER A 76 -16.99 -29.24 13.97
N GLU A 77 -17.43 -30.41 14.43
CA GLU A 77 -16.49 -31.52 14.61
C GLU A 77 -15.81 -31.87 13.30
N GLU A 78 -16.56 -31.88 12.19
CA GLU A 78 -15.94 -32.20 10.91
C GLU A 78 -14.89 -31.16 10.50
N GLN A 79 -15.19 -29.86 10.72
CA GLN A 79 -14.23 -28.81 10.38
C GLN A 79 -12.95 -28.96 11.19
N VAL A 80 -13.08 -29.30 12.48
CA VAL A 80 -11.92 -29.47 13.35
C VAL A 80 -11.07 -30.65 12.90
N THR A 81 -11.72 -31.78 12.58
CA THR A 81 -10.95 -32.93 12.09
C THR A 81 -10.26 -32.63 10.76
N THR A 82 -10.97 -31.99 9.84
CA THR A 82 -10.36 -31.63 8.57
C THR A 82 -9.10 -30.82 8.79
N ALA A 83 -9.20 -29.75 9.62
CA ALA A 83 -8.05 -28.87 9.77
C ALA A 83 -6.91 -29.59 10.50
N MET A 84 -7.22 -30.28 11.60
CA MET A 84 -6.16 -30.90 12.38
C MET A 84 -5.47 -32.00 11.59
N ASN A 85 -6.23 -32.74 10.79
CA ASN A 85 -5.56 -33.72 9.94
C ASN A 85 -4.64 -33.04 8.95
N ALA A 86 -5.08 -31.93 8.34
CA ALA A 86 -4.27 -31.27 7.32
C ALA A 86 -2.98 -30.71 7.91
N PHE A 87 -3.05 -30.13 9.11
CA PHE A 87 -1.81 -29.70 9.77
C PHE A 87 -0.94 -30.88 10.15
N THR A 88 -1.54 -31.97 10.68
CA THR A 88 -0.71 -33.10 11.08
C THR A 88 0.00 -33.73 9.88
N GLU A 89 -0.68 -33.76 8.71
CA GLU A 89 -0.06 -34.31 7.50
C GLU A 89 1.24 -33.57 7.15
N VAL A 90 1.32 -32.26 7.42
CA VAL A 90 2.59 -31.55 7.18
C VAL A 90 3.72 -32.24 7.92
N VAL A 91 3.47 -32.55 9.19
CA VAL A 91 4.47 -33.16 10.05
C VAL A 91 4.73 -34.60 9.63
N ARG A 92 3.68 -35.33 9.25
CA ARG A 92 3.91 -36.69 8.74
C ARG A 92 4.92 -36.66 7.61
N ARG A 93 4.83 -35.66 6.74
CA ARG A 93 5.69 -35.59 5.56
C ARG A 93 7.10 -35.13 5.89
N CYS A 94 7.28 -34.15 6.79
CA CYS A 94 8.62 -33.60 6.94
CA CYS A 94 8.56 -33.48 7.02
C CYS A 94 9.34 -33.97 8.24
N HIS A 95 8.71 -34.69 9.17
CA HIS A 95 9.30 -34.81 10.50
C HIS A 95 10.64 -35.55 10.51
N ASP A 96 10.93 -36.39 9.52
CA ASP A 96 12.11 -37.25 9.63
C ASP A 96 13.42 -36.48 9.52
N THR A 97 13.42 -35.28 8.95
CA THR A 97 14.66 -34.57 8.69
C THR A 97 14.72 -33.21 9.38
N LEU A 98 13.84 -32.97 10.34
CA LEU A 98 13.94 -31.76 11.15
C LEU A 98 13.52 -32.11 12.57
N ASN A 99 13.68 -31.15 13.47
CA ASN A 99 13.21 -31.27 14.85
C ASN A 99 11.79 -30.74 14.92
N PHE A 100 10.86 -31.52 15.43
CA PHE A 100 9.48 -31.08 15.52
C PHE A 100 9.09 -30.90 16.98
N ASN A 101 8.44 -29.78 17.29
CA ASN A 101 7.92 -29.60 18.64
C ASN A 101 6.57 -28.91 18.55
N TYR A 102 5.85 -28.90 19.67
CA TYR A 102 4.53 -28.28 19.69
C TYR A 102 4.22 -27.85 21.12
N SER A 103 3.27 -26.91 21.23
CA SER A 103 2.86 -26.37 22.52
C SER A 103 1.50 -25.73 22.35
N GLY A 104 0.90 -25.24 23.47
CA GLY A 104 -0.34 -24.49 23.39
C GLY A 104 -1.34 -24.90 24.46
N THR A 105 -2.61 -24.53 24.23
CA THR A 105 -3.67 -24.92 25.16
C THR A 105 -4.10 -26.33 24.78
N LEU A 106 -3.29 -27.30 25.17
CA LEU A 106 -3.45 -28.65 24.61
C LEU A 106 -4.74 -29.31 25.07
N GLU A 107 -5.33 -28.90 26.19
CA GLU A 107 -6.54 -29.55 26.65
C GLU A 107 -7.72 -29.38 25.70
N VAL A 108 -7.73 -28.37 24.82
CA VAL A 108 -8.84 -28.19 23.90
C VAL A 108 -8.61 -28.93 22.59
N VAL A 109 -7.43 -29.54 22.41
CA VAL A 109 -7.10 -30.26 21.18
C VAL A 109 -7.61 -31.69 21.32
N PRO A 110 -8.39 -32.21 20.39
CA PRO A 110 -8.81 -33.62 20.52
C PRO A 110 -7.60 -34.52 20.68
N GLU A 111 -7.70 -35.45 21.63
CA GLU A 111 -6.52 -36.19 22.08
C GLU A 111 -5.86 -37.00 20.96
N ARG A 112 -6.64 -37.43 19.98
CA ARG A 112 -6.07 -38.20 18.87
C ARG A 112 -4.91 -37.45 18.24
N TRP A 113 -5.06 -36.13 18.10
CA TRP A 113 -4.01 -35.37 17.42
C TRP A 113 -2.82 -35.18 18.34
N LEU A 114 -3.05 -35.00 19.64
CA LEU A 114 -1.93 -34.93 20.54
C LEU A 114 -1.13 -36.23 20.54
N THR A 115 -1.81 -37.38 20.53
CA THR A 115 -1.07 -38.64 20.50
C THR A 115 -0.25 -38.76 19.22
N GLU A 116 -0.85 -38.45 18.07
CA GLU A 116 -0.08 -38.57 16.84
C GLU A 116 1.06 -37.55 16.80
N LEU A 117 0.80 -36.32 17.20
CA LEU A 117 1.87 -35.33 17.15
C LEU A 117 3.00 -35.67 18.11
N GLU A 118 2.69 -36.24 19.28
CA GLU A 118 3.73 -36.68 20.20
C GLU A 118 4.57 -37.79 19.59
N ALA A 119 3.91 -38.73 18.89
CA ALA A 119 4.69 -39.78 18.22
C ALA A 119 5.58 -39.22 17.13
N LEU A 120 5.08 -38.23 16.37
CA LEU A 120 5.89 -37.61 15.32
C LEU A 120 7.05 -36.83 15.92
N ARG A 121 6.82 -36.15 17.04
CA ARG A 121 7.92 -35.47 17.74
C ARG A 121 8.99 -36.47 18.14
N ALA A 122 8.57 -37.61 18.71
CA ALA A 122 9.55 -38.63 19.08
C ALA A 122 10.31 -39.17 17.89
N LYS A 123 9.66 -39.25 16.71
CA LYS A 123 10.37 -39.78 15.56
C LYS A 123 11.14 -38.71 14.81
N SER A 124 11.00 -37.44 15.21
CA SER A 124 11.69 -36.39 14.49
C SER A 124 13.15 -36.36 14.90
N ASP A 125 13.91 -35.57 14.15
CA ASP A 125 15.36 -35.48 14.30
C ASP A 125 15.72 -34.40 15.33
N SER A 126 15.88 -34.82 16.60
CA SER A 126 16.21 -33.86 17.65
C SER A 126 17.59 -33.24 17.47
N GLN A 127 18.46 -33.81 16.63
CA GLN A 127 19.78 -33.22 16.42
C GLN A 127 19.77 -32.17 15.31
N SER A 128 18.64 -31.94 14.67
CA SER A 128 18.59 -31.04 13.53
C SER A 128 18.83 -29.58 13.93
N ASP A 129 19.47 -28.85 13.02
CA ASP A 129 19.63 -27.41 13.24
C ASP A 129 18.39 -26.62 12.84
N PHE A 130 17.30 -27.28 12.48
CA PHE A 130 16.08 -26.60 12.09
C PHE A 130 14.89 -27.20 12.82
N THR A 131 14.01 -26.36 13.37
CA THR A 131 12.84 -26.81 14.11
C THR A 131 11.59 -26.32 13.43
N LEU A 132 10.61 -27.21 13.25
CA LEU A 132 9.22 -26.85 12.96
C LEU A 132 8.44 -26.94 14.25
N HIS A 133 7.75 -25.85 14.64
CA HIS A 133 7.05 -25.81 15.93
C HIS A 133 5.61 -25.38 15.74
N PHE A 134 4.67 -26.24 16.14
CA PHE A 134 3.25 -25.95 16.04
C PHE A 134 2.74 -25.38 17.37
N ILE A 135 1.99 -24.28 17.31
CA ILE A 135 1.26 -23.81 18.49
C ILE A 135 -0.21 -24.04 18.26
N MET A 136 -0.87 -24.74 19.18
CA MET A 136 -2.28 -25.07 19.03
C MET A 136 -3.08 -24.43 20.17
N GLY A 137 -4.33 -24.07 19.88
CA GLY A 137 -5.15 -23.45 20.93
C GLY A 137 -4.57 -22.16 21.46
N MET A 138 -4.05 -21.32 20.58
CA MET A 138 -3.49 -20.05 21.04
C MET A 138 -4.59 -19.16 21.56
N SER A 139 -4.26 -18.40 22.62
CA SER A 139 -5.18 -17.46 23.23
C SER A 139 -4.44 -16.95 24.44
N LEU A 140 -4.12 -15.66 24.49
CA LEU A 140 -3.32 -15.15 25.60
C LEU A 140 -4.03 -15.35 26.93
N ALA A 141 -5.34 -15.15 27.01
CA ALA A 141 -6.01 -15.37 28.29
C ALA A 141 -5.79 -16.81 28.77
N HIS A 142 -5.98 -17.79 27.88
CA HIS A 142 -5.80 -19.17 28.32
C HIS A 142 -4.35 -19.45 28.68
N GLU A 143 -3.40 -18.88 27.93
CA GLU A 143 -1.99 -19.08 28.21
C GLU A 143 -1.66 -18.57 29.61
N VAL A 144 -2.10 -17.36 29.91
CA VAL A 144 -1.78 -16.74 31.19
C VAL A 144 -2.44 -17.51 32.33
N ILE A 145 -3.73 -17.87 32.16
CA ILE A 145 -4.42 -18.64 33.18
C ILE A 145 -3.70 -19.97 33.42
N GLY A 146 -3.25 -20.63 32.35
CA GLY A 146 -2.54 -21.90 32.53
C GLY A 146 -1.25 -21.74 33.33
N ILE A 147 -0.49 -20.68 33.04
CA ILE A 147 0.75 -20.43 33.76
C ILE A 147 0.44 -20.10 35.22
N PHE A 148 -0.57 -19.26 35.45
CA PHE A 148 -0.94 -18.95 36.84
C PHE A 148 -1.30 -20.21 37.59
N ASN A 149 -2.17 -21.01 37.01
CA ASN A 149 -2.64 -22.18 37.73
C ASN A 149 -1.51 -23.16 37.99
N LYS A 150 -0.54 -23.24 37.06
CA LYS A 150 0.61 -24.12 37.31
C LYS A 150 1.41 -23.70 38.53
N PHE A 151 1.66 -22.41 38.69
CA PHE A 151 2.60 -21.97 39.73
C PHE A 151 1.92 -21.45 40.99
N ASN A 152 0.60 -21.27 40.95
CA ASN A 152 -0.18 -20.72 42.06
C ASN A 152 0.17 -21.40 43.39
N GLY A 153 0.68 -20.61 44.32
CA GLY A 153 0.98 -21.13 45.67
C GLY A 153 2.25 -21.94 45.77
N LYS A 154 2.99 -22.13 44.66
CA LYS A 154 4.17 -23.00 44.63
C LYS A 154 5.49 -22.25 44.50
N ILE A 155 5.46 -20.95 44.29
CA ILE A 155 6.64 -20.11 44.17
C ILE A 155 6.37 -18.82 44.93
N PRO A 156 7.41 -18.11 45.32
CA PRO A 156 7.18 -16.87 46.05
C PRO A 156 6.70 -15.74 45.15
N ALA A 157 7.10 -15.79 43.87
CA ALA A 157 6.77 -14.74 42.91
C ALA A 157 7.12 -15.25 41.53
N LEU A 158 6.37 -14.78 40.53
CA LEU A 158 6.70 -15.13 39.14
C LEU A 158 7.81 -14.22 38.63
N THR A 159 8.80 -14.82 37.98
CA THR A 159 9.93 -14.12 37.40
C THR A 159 9.82 -14.11 35.88
N GLU A 160 10.52 -13.16 35.25
CA GLU A 160 10.59 -13.18 33.79
C GLU A 160 11.16 -14.49 33.27
N GLU A 161 12.15 -15.04 33.96
CA GLU A 161 12.77 -16.29 33.54
CA GLU A 161 12.76 -16.29 33.53
C GLU A 161 11.75 -17.42 33.53
N LEU A 162 10.98 -17.57 34.61
CA LEU A 162 9.97 -18.63 34.64
C LEU A 162 8.90 -18.40 33.59
N LEU A 163 8.47 -17.14 33.43
CA LEU A 163 7.45 -16.87 32.44
C LEU A 163 7.96 -17.28 31.06
N ALA A 164 9.18 -16.88 30.73
CA ALA A 164 9.74 -17.21 29.41
C ALA A 164 9.81 -18.72 29.20
N ALA A 165 10.12 -19.46 30.26
CA ALA A 165 10.26 -20.90 30.16
C ALA A 165 8.93 -21.64 30.09
N ASN A 166 7.81 -20.95 30.32
CA ASN A 166 6.52 -21.59 30.30
C ASN A 166 5.57 -21.02 29.27
N ALA A 167 5.95 -19.97 28.56
CA ALA A 167 5.10 -19.45 27.51
C ALA A 167 5.01 -20.44 26.35
N TYR A 168 3.90 -20.39 25.61
CA TYR A 168 3.71 -21.31 24.49
C TYR A 168 4.84 -21.19 23.47
N VAL A 169 5.19 -19.98 23.09
CA VAL A 169 6.30 -19.75 22.16
C VAL A 169 7.56 -19.57 23.00
N PRO A 170 8.56 -20.44 22.87
CA PRO A 170 9.62 -20.53 23.87
C PRO A 170 10.73 -19.49 23.76
N GLU A 171 10.60 -18.52 22.88
CA GLU A 171 11.59 -17.46 22.67
C GLU A 171 10.89 -16.29 21.99
N PRO A 172 11.49 -15.10 21.99
CA PRO A 172 10.92 -14.02 21.18
C PRO A 172 10.96 -14.36 19.71
N VAL A 173 9.90 -13.94 19.01
CA VAL A 173 9.75 -14.14 17.56
C VAL A 173 10.27 -12.91 16.86
N ASP A 174 11.14 -13.10 15.86
CA ASP A 174 11.67 -11.95 15.12
C ASP A 174 10.67 -11.45 14.12
N PHE A 175 10.15 -12.34 13.28
CA PHE A 175 9.33 -11.97 12.13
C PHE A 175 8.09 -12.82 12.11
N LEU A 176 6.94 -12.21 11.84
CA LEU A 176 5.74 -13.00 11.61
C LEU A 176 5.02 -12.50 10.37
N ILE A 177 4.47 -13.44 9.62
CA ILE A 177 3.78 -13.20 8.35
C ILE A 177 2.33 -13.63 8.48
N ARG A 178 1.42 -12.75 8.10
CA ARG A 178 0.00 -13.10 8.04
C ARG A 178 -0.52 -12.82 6.64
N PRO A 179 -0.63 -13.83 5.80
CA PRO A 179 -1.33 -13.67 4.51
C PRO A 179 -2.83 -13.61 4.72
N GLY A 180 -3.60 -13.44 3.64
CA GLY A 180 -5.04 -13.56 3.78
C GLY A 180 -5.79 -12.27 4.00
N GLY A 181 -5.12 -11.13 4.06
CA GLY A 181 -5.79 -9.85 3.98
C GLY A 181 -6.25 -9.24 5.28
N HIS A 182 -6.33 -10.00 6.38
CA HIS A 182 -6.77 -9.40 7.63
C HIS A 182 -5.59 -8.74 8.34
N VAL A 183 -5.75 -7.47 8.73
CA VAL A 183 -4.68 -6.73 9.39
C VAL A 183 -5.04 -6.73 10.88
N ARG A 184 -4.75 -7.85 11.52
CA ARG A 184 -5.10 -8.04 12.93
C ARG A 184 -4.35 -9.27 13.38
N MET A 185 -4.20 -9.42 14.68
CA MET A 185 -3.47 -10.57 15.22
C MET A 185 -4.35 -11.67 15.77
N SER A 186 -5.67 -11.44 15.89
CA SER A 186 -6.55 -12.49 16.38
C SER A 186 -5.99 -13.01 17.71
N SER A 187 -6.04 -14.32 17.93
CA SER A 187 -5.58 -14.89 19.19
C SER A 187 -4.09 -15.22 19.17
N PHE A 188 -3.35 -14.77 18.16
CA PHE A 188 -2.03 -15.33 17.85
C PHE A 188 -0.84 -14.46 18.24
N TYR A 189 -1.03 -13.37 19.01
CA TYR A 189 0.13 -12.52 19.31
C TYR A 189 1.04 -13.28 20.27
N PRO A 190 2.35 -13.40 20.00
CA PRO A 190 3.21 -14.21 20.89
C PRO A 190 3.58 -13.43 22.15
N LEU A 191 3.27 -14.02 23.30
CA LEU A 191 3.34 -13.35 24.61
C LEU A 191 4.71 -12.69 24.85
N MET A 192 5.79 -13.40 24.56
CA MET A 192 7.13 -12.91 24.91
C MET A 192 7.85 -12.27 23.73
N SER A 193 7.09 -11.68 22.80
CA SER A 193 7.66 -11.03 21.62
C SER A 193 7.27 -9.55 21.56
N PRO A 194 7.76 -8.71 22.47
CA PRO A 194 7.36 -7.28 22.41
C PRO A 194 7.72 -6.60 21.12
N PHE A 195 8.82 -7.01 20.47
CA PHE A 195 9.34 -6.32 19.29
C PHE A 195 9.31 -7.16 18.03
N ALA A 196 8.47 -8.18 17.96
CA ALA A 196 8.30 -8.90 16.70
C ALA A 196 7.88 -7.97 15.58
N GLU A 197 8.45 -8.19 14.39
CA GLU A 197 8.04 -7.46 13.20
C GLU A 197 6.88 -8.20 12.57
N MET A 198 5.84 -7.47 12.21
CA MET A 198 4.64 -8.08 11.64
C MET A 198 4.56 -7.68 10.18
N TYR A 199 4.20 -8.64 9.34
CA TYR A 199 4.03 -8.38 7.92
C TYR A 199 2.71 -8.97 7.51
N PHE A 200 1.87 -8.15 6.87
CA PHE A 200 0.56 -8.56 6.40
C PHE A 200 0.54 -8.47 4.89
N CYS A 201 -0.13 -9.41 4.25
CA CYS A 201 -0.33 -9.29 2.80
C CYS A 201 -1.68 -9.86 2.43
N PRO A 202 -2.27 -9.39 1.33
CA PRO A 202 -3.61 -9.84 0.99
C PRO A 202 -3.65 -11.24 0.40
N THR A 203 -2.56 -11.69 -0.22
CA THR A 203 -2.51 -13.00 -0.86
C THR A 203 -2.99 -14.09 0.08
N LEU A 204 -3.91 -14.94 -0.40
CA LEU A 204 -4.29 -16.10 0.38
C LEU A 204 -3.09 -17.03 0.54
N LEU A 205 -3.01 -17.69 1.70
CA LEU A 205 -1.87 -18.59 1.92
C LEU A 205 -1.67 -19.56 0.74
N ASN A 206 -2.76 -20.15 0.26
CA ASN A 206 -2.60 -21.19 -0.74
C ASN A 206 -2.18 -20.64 -2.09
N ASP A 207 -2.19 -19.31 -2.26
CA ASP A 207 -1.69 -18.66 -3.47
C ASP A 207 -0.26 -18.14 -3.31
N MET A 208 0.33 -18.21 -2.13
CA MET A 208 1.66 -17.63 -1.95
CA MET A 208 1.67 -17.64 -1.93
C MET A 208 2.72 -18.42 -2.69
N THR A 209 3.54 -17.71 -3.45
CA THR A 209 4.68 -18.28 -4.14
C THR A 209 5.97 -18.01 -3.35
N ARG A 210 7.04 -18.65 -3.80
CA ARG A 210 8.34 -18.35 -3.21
C ARG A 210 8.69 -16.88 -3.39
N ALA A 211 8.32 -16.29 -4.53
CA ALA A 211 8.60 -14.87 -4.71
C ALA A 211 7.84 -14.03 -3.69
N ASP A 212 6.57 -14.37 -3.43
CA ASP A 212 5.80 -13.66 -2.40
C ASP A 212 6.50 -13.75 -1.05
N PHE A 213 6.96 -14.95 -0.71
CA PHE A 213 7.73 -15.13 0.53
C PHE A 213 8.98 -14.28 0.52
N ASP A 214 9.72 -14.29 -0.60
CA ASP A 214 10.97 -13.57 -0.67
C ASP A 214 10.77 -12.06 -0.51
N VAL A 215 9.72 -11.51 -1.11
CA VAL A 215 9.54 -10.06 -0.95
CA VAL A 215 9.46 -10.07 -0.97
C VAL A 215 9.02 -9.73 0.45
N ALA A 216 8.27 -10.65 1.09
CA ALA A 216 7.96 -10.46 2.52
C ALA A 216 9.25 -10.38 3.34
N LEU A 217 10.20 -11.27 3.06
CA LEU A 217 11.46 -11.24 3.81
C LEU A 217 12.27 -9.98 3.50
N GLU A 218 12.25 -9.48 2.25
CA GLU A 218 12.90 -8.19 1.98
C GLU A 218 12.33 -7.10 2.87
N ASP A 219 11.00 -7.03 2.95
CA ASP A 219 10.33 -6.03 3.77
C ASP A 219 10.71 -6.19 5.24
N LEU A 220 10.66 -7.43 5.74
CA LEU A 220 10.94 -7.67 7.15
C LEU A 220 12.38 -7.35 7.51
N ARG A 221 13.32 -7.80 6.68
CA ARG A 221 14.73 -7.65 6.99
C ARG A 221 15.20 -6.21 6.82
N GLU A 222 14.51 -5.40 6.02
CA GLU A 222 14.97 -4.03 5.81
CA GLU A 222 14.94 -4.03 5.80
C GLU A 222 14.61 -3.13 6.98
N ARG A 223 13.69 -3.54 7.84
CA ARG A 223 13.23 -2.65 8.89
C ARG A 223 14.29 -2.42 9.95
N ASP A 224 14.38 -1.17 10.39
CA ASP A 224 15.27 -0.78 11.48
CA ASP A 224 15.28 -0.80 11.48
C ASP A 224 14.62 -1.17 12.79
N ARG A 225 15.17 -2.15 13.47
CA ARG A 225 14.65 -2.55 14.78
C ARG A 225 15.33 -1.74 15.88
N ARG A 226 14.51 -1.09 16.70
CA ARG A 226 15.02 -0.17 17.71
C ARG A 226 14.76 -0.60 19.15
N TYR A 227 13.81 -1.52 19.39
CA TYR A 227 13.58 -2.06 20.73
C TYR A 227 13.27 -0.98 21.75
N GLY A 228 12.55 0.07 21.31
CA GLY A 228 12.11 1.10 22.23
C GLY A 228 13.12 2.17 22.52
N LEU A 229 14.31 2.07 21.93
CA LEU A 229 15.41 3.01 22.15
C LEU A 229 15.64 3.87 20.92
N TYR A 230 16.47 4.92 21.09
CA TYR A 230 16.89 5.69 19.94
C TYR A 230 18.24 5.20 19.43
N PRO A 231 18.57 5.44 18.17
CA PRO A 231 19.90 5.05 17.67
C PRO A 231 20.98 5.81 18.40
N VAL A 232 22.13 5.15 18.56
CA VAL A 232 23.31 5.79 19.11
C VAL A 232 24.27 6.11 17.97
N MET B 15 -22.14 1.62 26.18
CA MET B 15 -21.64 0.60 25.28
CA MET B 15 -21.64 0.58 25.29
C MET B 15 -20.27 0.97 24.76
N MET B 16 -19.23 0.33 25.31
CA MET B 16 -17.90 0.70 24.92
CA MET B 16 -17.84 0.56 24.92
C MET B 16 -17.70 0.62 23.41
N THR B 17 -16.98 1.62 22.90
CA THR B 17 -16.37 1.50 21.58
C THR B 17 -15.10 2.26 21.73
N ASN B 18 -14.00 1.60 21.54
CA ASN B 18 -12.80 2.24 22.01
CA ASN B 18 -12.74 2.10 22.07
C ASN B 18 -11.72 2.18 20.94
N LEU B 19 -10.88 3.16 21.03
CA LEU B 19 -9.81 3.37 20.07
C LEU B 19 -8.51 3.46 20.82
N MET B 20 -7.47 2.80 20.30
CA MET B 20 -6.14 2.86 20.87
CA MET B 20 -6.13 2.86 20.87
C MET B 20 -5.17 3.43 19.83
N LEU B 21 -4.37 4.40 20.26
CA LEU B 21 -3.33 4.99 19.43
C LEU B 21 -1.97 4.67 20.02
N LEU B 22 -1.05 4.23 19.14
CA LEU B 22 0.38 4.06 19.43
C LEU B 22 1.16 5.22 18.81
N PRO B 23 1.40 6.31 19.54
CA PRO B 23 2.11 7.46 18.94
C PRO B 23 3.49 7.06 18.48
N ASP B 24 3.87 7.53 17.28
CA ASP B 24 5.21 7.24 16.83
C ASP B 24 5.65 8.28 15.82
N GLY B 25 6.96 8.52 15.81
CA GLY B 25 7.59 9.31 14.79
C GLY B 25 8.11 10.68 15.24
N MET B 26 8.29 10.92 16.54
CA MET B 26 8.64 12.28 16.99
C MET B 26 10.10 12.62 16.66
N ARG B 27 11.01 11.65 16.81
CA ARG B 27 12.41 11.93 16.49
C ARG B 27 12.56 12.17 14.99
N ARG B 28 11.96 11.30 14.18
CA ARG B 28 12.03 11.52 12.74
C ARG B 28 11.38 12.85 12.35
N TRP B 29 10.28 13.25 13.00
CA TRP B 29 9.68 14.54 12.65
C TRP B 29 10.62 15.68 13.03
N SER B 30 11.32 15.55 14.16
CA SER B 30 12.24 16.63 14.54
C SER B 30 13.33 16.78 13.49
N GLN B 31 13.80 15.66 12.94
CA GLN B 31 14.79 15.72 11.86
C GLN B 31 14.20 16.34 10.60
N LYS B 32 12.99 15.92 10.23
CA LYS B 32 12.30 16.44 9.04
C LYS B 32 12.12 17.94 9.12
N GLN B 33 11.70 18.45 10.28
CA GLN B 33 11.36 19.85 10.43
C GLN B 33 12.56 20.72 10.76
N GLY B 34 13.69 20.11 11.12
CA GLY B 34 14.86 20.86 11.55
C GLY B 34 14.68 21.54 12.88
N ILE B 35 14.08 20.84 13.86
CA ILE B 35 13.78 21.39 15.17
C ILE B 35 14.27 20.43 16.23
N SER B 36 14.23 20.89 17.48
CA SER B 36 14.65 20.06 18.59
C SER B 36 13.64 18.94 18.85
N LEU B 37 14.11 17.93 19.59
CA LEU B 37 13.20 16.88 20.06
C LEU B 37 12.10 17.47 20.94
N ASP B 38 12.46 18.44 21.79
CA ASP B 38 11.47 19.12 22.61
C ASP B 38 10.37 19.73 21.76
N ASP B 39 10.74 20.43 20.67
CA ASP B 39 9.73 21.08 19.86
C ASP B 39 8.87 20.07 19.10
N SER B 40 9.46 18.94 18.72
CA SER B 40 8.67 17.90 18.08
C SER B 40 7.68 17.30 19.07
N TYR B 41 8.13 17.05 20.31
CA TYR B 41 7.20 16.55 21.31
C TYR B 41 6.16 17.60 21.68
N ALA B 42 6.48 18.90 21.54
CA ALA B 42 5.44 19.90 21.75
C ALA B 42 4.38 19.82 20.65
N ALA B 43 4.82 19.60 19.40
CA ALA B 43 3.87 19.36 18.32
C ALA B 43 3.06 18.10 18.59
N MET B 44 3.69 17.09 19.21
CA MET B 44 2.94 15.87 19.57
C MET B 44 1.87 16.17 20.60
N THR B 45 2.18 16.96 21.64
CA THR B 45 1.14 17.34 22.58
C THR B 45 -0.04 17.99 21.86
N ASP B 46 0.25 18.98 20.98
CA ASP B 46 -0.83 19.62 20.24
C ASP B 46 -1.65 18.60 19.43
N LYS B 47 -0.94 17.68 18.75
CA LYS B 47 -1.61 16.71 17.89
C LYS B 47 -2.45 15.74 18.71
N LEU B 48 -1.96 15.34 19.89
CA LEU B 48 -2.72 14.40 20.70
C LEU B 48 -3.95 15.07 21.30
N VAL B 49 -3.88 16.36 21.62
CA VAL B 49 -5.12 17.05 22.03
C VAL B 49 -6.12 17.03 20.87
N GLU B 50 -5.64 17.34 19.66
CA GLU B 50 -6.51 17.24 18.48
C GLU B 50 -7.12 15.85 18.35
N PHE B 51 -6.26 14.83 18.39
CA PHE B 51 -6.68 13.45 18.19
C PHE B 51 -7.69 13.03 19.23
N THR B 52 -7.50 13.46 20.47
CA THR B 52 -8.46 13.17 21.53
C THR B 52 -9.82 13.76 21.20
N GLY B 53 -9.84 14.97 20.67
CA GLY B 53 -11.11 15.57 20.28
C GLY B 53 -11.73 14.85 19.08
N TRP B 54 -10.91 14.42 18.12
CA TRP B 54 -11.46 13.65 17.00
C TRP B 54 -12.09 12.36 17.49
N ALA B 55 -11.40 11.67 18.41
CA ALA B 55 -11.92 10.42 18.91
C ALA B 55 -13.25 10.62 19.63
N ARG B 56 -13.35 11.69 20.43
CA ARG B 56 -14.58 11.98 21.13
C ARG B 56 -15.70 12.29 20.14
N GLU B 57 -15.40 13.07 19.11
CA GLU B 57 -16.41 13.42 18.11
C GLU B 57 -16.93 12.20 17.39
N GLU B 58 -16.04 11.22 17.19
CA GLU B 58 -16.36 9.99 16.48
C GLU B 58 -17.07 8.98 17.35
N GLY B 59 -17.38 9.33 18.62
CA GLY B 59 -18.21 8.50 19.45
C GLY B 59 -17.49 7.45 20.25
N PHE B 60 -16.16 7.44 20.25
CA PHE B 60 -15.46 6.45 21.06
C PHE B 60 -15.69 6.76 22.54
N THR B 61 -15.85 5.72 23.33
CA THR B 61 -16.09 5.93 24.76
C THR B 61 -14.80 6.08 25.53
N THR B 62 -13.76 5.35 25.16
CA THR B 62 -12.43 5.55 25.71
C THR B 62 -11.44 5.66 24.58
N PHE B 63 -10.51 6.59 24.72
CA PHE B 63 -9.38 6.74 23.82
C PHE B 63 -8.16 6.35 24.64
N TYR B 64 -7.55 5.22 24.25
CA TYR B 64 -6.35 4.73 24.91
C TYR B 64 -5.13 5.23 24.17
N VAL B 65 -4.18 5.77 24.93
CA VAL B 65 -2.89 6.19 24.37
C VAL B 65 -1.80 5.43 25.07
N THR B 66 -0.97 4.75 24.29
CA THR B 66 0.15 3.97 24.84
C THR B 66 1.30 4.95 25.01
N VAL B 67 1.48 5.46 26.23
CA VAL B 67 2.46 6.50 26.49
C VAL B 67 3.87 5.96 26.40
N SER B 68 4.09 4.75 26.94
CA SER B 68 5.45 4.26 27.09
C SER B 68 5.44 2.77 27.32
N SER B 69 6.52 2.14 26.87
CA SER B 69 6.84 0.77 27.22
C SER B 69 7.83 0.76 28.38
N VAL B 70 8.05 -0.42 28.94
CA VAL B 70 9.16 -0.54 29.90
C VAL B 70 10.47 -0.18 29.20
N ALA B 71 10.65 -0.66 27.98
CA ALA B 71 11.88 -0.42 27.25
C ALA B 71 12.15 1.07 27.05
N ASN B 72 11.08 1.85 26.81
CA ASN B 72 11.26 3.29 26.58
C ASN B 72 11.94 3.96 27.74
N TYR B 73 11.78 3.44 28.96
CA TYR B 73 12.37 4.13 30.12
C TYR B 73 13.86 3.89 30.23
N SER B 74 14.44 3.12 29.32
CA SER B 74 15.89 3.09 29.17
C SER B 74 16.40 4.04 28.09
N ARG B 75 15.53 4.86 27.49
CA ARG B 75 16.01 6.00 26.74
C ARG B 75 16.77 6.91 27.71
N SER B 76 17.43 7.93 27.15
CA SER B 76 18.20 8.80 28.04
C SER B 76 17.28 9.56 29.00
N GLU B 77 17.87 10.05 30.10
CA GLU B 77 17.06 10.77 31.07
C GLU B 77 16.38 11.98 30.41
N GLU B 78 17.10 12.68 29.53
CA GLU B 78 16.51 13.83 28.87
C GLU B 78 15.39 13.41 27.94
N GLN B 79 15.58 12.32 27.21
CA GLN B 79 14.55 11.80 26.29
C GLN B 79 13.29 11.40 27.06
N VAL B 80 13.46 10.71 28.19
CA VAL B 80 12.31 10.34 29.02
C VAL B 80 11.60 11.58 29.54
N THR B 81 12.36 12.59 30.03
CA THR B 81 11.71 13.80 30.52
C THR B 81 10.95 14.51 29.41
N THR B 82 11.56 14.63 28.23
CA THR B 82 10.89 15.28 27.10
C THR B 82 9.56 14.61 26.82
N ALA B 83 9.59 13.29 26.68
CA ALA B 83 8.37 12.59 26.29
C ALA B 83 7.33 12.65 27.41
N MET B 84 7.76 12.36 28.65
CA MET B 84 6.78 12.30 29.72
C MET B 84 6.15 13.66 29.98
N ASN B 85 6.94 14.72 29.89
CA ASN B 85 6.35 16.05 30.05
C ASN B 85 5.34 16.31 28.95
N ALA B 86 5.66 15.93 27.70
CA ALA B 86 4.75 16.22 26.60
C ALA B 86 3.43 15.44 26.72
N PHE B 87 3.51 14.17 27.15
CA PHE B 87 2.27 13.43 27.38
C PHE B 87 1.50 14.02 28.56
N THR B 88 2.19 14.38 29.64
CA THR B 88 1.48 14.94 30.79
C THR B 88 0.80 16.26 30.43
N GLU B 89 1.43 17.06 29.56
CA GLU B 89 0.83 18.32 29.12
C GLU B 89 -0.51 18.10 28.41
N VAL B 90 -0.66 16.99 27.66
CA VAL B 90 -1.99 16.68 27.12
C VAL B 90 -3.02 16.65 28.25
N VAL B 91 -2.67 15.97 29.35
CA VAL B 91 -3.61 15.84 30.46
C VAL B 91 -3.81 17.18 31.14
N ARG B 92 -2.74 17.96 31.31
CA ARG B 92 -2.93 19.30 31.90
C ARG B 92 -3.98 20.06 31.12
N ARG B 93 -3.94 19.95 29.80
CA ARG B 93 -4.84 20.74 28.97
C ARG B 93 -6.26 20.18 28.94
N CYS B 94 -6.46 18.87 29.08
CA CYS B 94 -7.74 18.22 28.83
CA CYS B 94 -7.81 18.40 28.87
C CYS B 94 -8.49 17.77 30.07
N HIS B 95 -7.80 17.62 31.21
CA HIS B 95 -8.41 16.89 32.32
C HIS B 95 -9.68 17.53 32.85
N ASP B 96 -9.87 18.84 32.69
CA ASP B 96 -11.06 19.46 33.27
C ASP B 96 -12.33 19.19 32.47
N THR B 97 -12.20 18.68 31.23
CA THR B 97 -13.36 18.46 30.37
C THR B 97 -13.50 17.01 29.88
N LEU B 98 -12.73 16.08 30.42
CA LEU B 98 -12.94 14.67 30.14
C LEU B 98 -12.56 13.91 31.39
N ASN B 99 -12.86 12.61 31.41
CA ASN B 99 -12.45 11.74 32.49
C ASN B 99 -11.07 11.19 32.16
N PHE B 100 -10.12 11.31 33.09
CA PHE B 100 -8.77 10.83 32.83
C PHE B 100 -8.47 9.62 33.71
N ASN B 101 -7.87 8.59 33.12
CA ASN B 101 -7.43 7.45 33.90
C ASN B 101 -6.09 6.98 33.35
N TYR B 102 -5.38 6.16 34.13
CA TYR B 102 -4.11 5.61 33.66
C TYR B 102 -3.84 4.30 34.38
N SER B 103 -2.93 3.51 33.79
CA SER B 103 -2.57 2.21 34.34
C SER B 103 -1.22 1.82 33.77
N GLY B 104 -0.67 0.69 34.25
CA GLY B 104 0.54 0.17 33.64
C GLY B 104 1.53 -0.30 34.69
N THR B 105 2.79 -0.46 34.25
CA THR B 105 3.85 -0.87 35.18
C THR B 105 4.37 0.40 35.84
N LEU B 106 3.64 0.85 36.87
CA LEU B 106 3.86 2.18 37.42
C LEU B 106 5.21 2.29 38.10
N GLU B 107 5.81 1.17 38.49
CA GLU B 107 7.08 1.28 39.22
C GLU B 107 8.22 1.76 38.34
N VAL B 108 8.12 1.66 37.00
CA VAL B 108 9.16 2.19 36.13
C VAL B 108 8.89 3.64 35.69
N VAL B 109 7.76 4.21 36.09
CA VAL B 109 7.45 5.60 35.71
C VAL B 109 8.12 6.50 36.74
N PRO B 110 8.92 7.47 36.33
CA PRO B 110 9.55 8.37 37.32
C PRO B 110 8.51 9.05 38.20
N GLU B 111 8.81 9.13 39.50
CA GLU B 111 7.84 9.62 40.47
C GLU B 111 7.26 10.98 40.09
N ARG B 112 8.08 11.90 39.57
CA ARG B 112 7.56 13.23 39.27
CA ARG B 112 7.57 13.23 39.25
C ARG B 112 6.33 13.15 38.37
N TRP B 113 6.35 12.25 37.39
CA TRP B 113 5.23 12.19 36.45
C TRP B 113 4.05 11.44 37.07
N LEU B 114 4.32 10.38 37.82
CA LEU B 114 3.23 9.67 38.49
CA LEU B 114 3.22 9.67 38.47
C LEU B 114 2.47 10.58 39.44
N THR B 115 3.21 11.35 40.26
CA THR B 115 2.55 12.27 41.20
C THR B 115 1.67 13.26 40.45
N GLU B 116 2.23 13.87 39.38
CA GLU B 116 1.45 14.88 38.68
C GLU B 116 0.23 14.27 37.99
N LEU B 117 0.42 13.14 37.32
CA LEU B 117 -0.70 12.50 36.62
C LEU B 117 -1.75 12.03 37.60
N GLU B 118 -1.35 11.57 38.79
CA GLU B 118 -2.33 11.16 39.78
C GLU B 118 -3.18 12.34 40.26
N ALA B 119 -2.53 13.50 40.49
CA ALA B 119 -3.32 14.65 40.92
C ALA B 119 -4.28 15.12 39.83
N LEU B 120 -3.83 15.06 38.56
CA LEU B 120 -4.73 15.39 37.45
C LEU B 120 -5.88 14.39 37.34
N ARG B 121 -5.59 13.10 37.45
CA ARG B 121 -6.65 12.10 37.46
CA ARG B 121 -6.66 12.11 37.46
C ARG B 121 -7.67 12.41 38.55
N ALA B 122 -7.18 12.73 39.75
CA ALA B 122 -8.06 12.90 40.91
C ALA B 122 -9.05 14.05 40.72
N LYS B 123 -8.69 15.10 39.99
CA LYS B 123 -9.59 16.22 39.76
C LYS B 123 -10.17 16.25 38.34
N SER B 124 -10.00 15.17 37.58
CA SER B 124 -10.52 15.20 36.21
C SER B 124 -12.05 15.10 36.21
N ASP B 125 -12.66 15.29 35.03
CA ASP B 125 -14.12 15.39 34.95
C ASP B 125 -14.72 14.00 34.95
N SER B 126 -14.96 13.49 36.15
CA SER B 126 -15.47 12.14 36.34
C SER B 126 -16.86 11.94 35.77
N GLN B 127 -17.61 13.00 35.52
CA GLN B 127 -18.96 12.80 34.98
C GLN B 127 -18.94 12.74 33.47
N SER B 128 -17.79 12.94 32.84
CA SER B 128 -17.74 12.90 31.39
C SER B 128 -18.02 11.50 30.88
N ASP B 129 -18.78 11.41 29.76
CA ASP B 129 -18.99 10.13 29.10
CA ASP B 129 -18.99 10.13 29.10
C ASP B 129 -17.78 9.68 28.31
N PHE B 130 -16.73 10.50 28.23
CA PHE B 130 -15.56 10.20 27.42
C PHE B 130 -14.34 10.13 28.32
N THR B 131 -13.52 9.10 28.13
CA THR B 131 -12.31 8.90 28.92
C THR B 131 -11.08 8.92 28.03
N LEU B 132 -10.07 9.67 28.47
CA LEU B 132 -8.72 9.55 27.95
C LEU B 132 -7.96 8.65 28.92
N HIS B 133 -7.38 7.55 28.43
CA HIS B 133 -6.72 6.60 29.32
C HIS B 133 -5.29 6.39 28.83
N PHE B 134 -4.31 6.73 29.68
CA PHE B 134 -2.89 6.53 29.38
C PHE B 134 -2.44 5.18 29.94
N ILE B 135 -1.72 4.39 29.13
CA ILE B 135 -1.04 3.20 29.66
C ILE B 135 0.45 3.46 29.61
N MET B 136 1.12 3.26 30.75
CA MET B 136 2.54 3.55 30.87
C MET B 136 3.29 2.29 31.25
N GLY B 137 4.55 2.21 30.85
CA GLY B 137 5.30 1.00 31.19
C GLY B 137 4.71 -0.29 30.62
N MET B 138 4.21 -0.23 29.39
CA MET B 138 3.62 -1.43 28.83
C MET B 138 4.67 -2.51 28.56
N SER B 139 4.25 -3.75 28.82
CA SER B 139 5.05 -4.95 28.63
C SER B 139 4.22 -6.14 29.09
N LEU B 140 3.89 -7.07 28.18
CA LEU B 140 3.03 -8.17 28.60
C LEU B 140 3.70 -8.97 29.73
N ALA B 141 5.01 -9.17 29.64
CA ALA B 141 5.66 -9.95 30.71
C ALA B 141 5.50 -9.27 32.07
N HIS B 142 5.73 -7.94 32.15
CA HIS B 142 5.58 -7.28 33.43
C HIS B 142 4.13 -7.28 33.90
N GLU B 143 3.21 -7.12 32.95
CA GLU B 143 1.79 -7.14 33.26
C GLU B 143 1.38 -8.47 33.89
N VAL B 144 1.78 -9.58 33.25
CA VAL B 144 1.40 -10.90 33.74
C VAL B 144 2.06 -11.17 35.08
N ILE B 145 3.33 -10.79 35.22
CA ILE B 145 4.01 -11.01 36.51
C ILE B 145 3.30 -10.26 37.63
N GLY B 146 2.87 -9.02 37.38
CA GLY B 146 2.15 -8.28 38.42
C GLY B 146 0.84 -8.93 38.81
N ILE B 147 0.09 -9.44 37.81
CA ILE B 147 -1.19 -10.08 38.11
C ILE B 147 -0.96 -11.38 38.88
N PHE B 148 0.03 -12.16 38.44
CA PHE B 148 0.37 -13.38 39.16
C PHE B 148 0.69 -13.08 40.61
N ASN B 149 1.55 -12.12 40.83
CA ASN B 149 2.01 -11.87 42.19
C ASN B 149 0.88 -11.34 43.07
N LYS B 150 -0.07 -10.60 42.50
CA LYS B 150 -1.19 -10.15 43.29
C LYS B 150 -2.02 -11.32 43.82
N PHE B 151 -2.25 -12.34 42.99
CA PHE B 151 -3.19 -13.38 43.37
C PHE B 151 -2.54 -14.67 43.84
N ASN B 152 -1.22 -14.80 43.72
CA ASN B 152 -0.48 -16.01 44.05
C ASN B 152 -0.85 -16.56 45.41
N GLY B 153 -1.39 -17.78 45.42
CA GLY B 153 -1.72 -18.43 46.70
C GLY B 153 -3.01 -17.95 47.33
N LYS B 154 -3.71 -17.01 46.71
CA LYS B 154 -4.85 -16.35 47.34
C LYS B 154 -6.18 -16.72 46.71
N ILE B 155 -6.16 -17.39 45.57
CA ILE B 155 -7.37 -17.83 44.86
C ILE B 155 -7.09 -19.25 44.37
N PRO B 156 -8.14 -20.03 44.11
CA PRO B 156 -7.91 -21.42 43.70
C PRO B 156 -7.41 -21.55 42.27
N ALA B 157 -7.76 -20.56 41.45
CA ALA B 157 -7.42 -20.58 40.03
C ALA B 157 -7.67 -19.18 39.48
N LEU B 158 -6.89 -18.78 38.47
CA LEU B 158 -7.15 -17.50 37.84
C LEU B 158 -8.30 -17.68 36.87
N THR B 159 -9.26 -16.76 36.91
CA THR B 159 -10.39 -16.79 35.98
C THR B 159 -10.24 -15.72 34.92
N GLU B 160 -10.93 -15.91 33.80
CA GLU B 160 -10.95 -14.88 32.78
CA GLU B 160 -10.91 -14.87 32.79
C GLU B 160 -11.46 -13.55 33.32
N GLU B 161 -12.44 -13.58 34.22
CA GLU B 161 -12.97 -12.33 34.77
C GLU B 161 -11.91 -11.60 35.61
N LEU B 162 -11.22 -12.33 36.47
CA LEU B 162 -10.20 -11.67 37.30
C LEU B 162 -9.06 -11.16 36.43
N LEU B 163 -8.69 -11.93 35.42
CA LEU B 163 -7.65 -11.45 34.53
C LEU B 163 -8.08 -10.17 33.84
N ALA B 164 -9.31 -10.15 33.30
CA ALA B 164 -9.78 -8.94 32.63
C ALA B 164 -9.82 -7.74 33.57
N ALA B 165 -10.20 -7.97 34.84
CA ALA B 165 -10.33 -6.91 35.81
C ALA B 165 -9.00 -6.38 36.31
N ASN B 166 -7.89 -7.05 35.95
CA ASN B 166 -6.57 -6.61 36.41
C ASN B 166 -5.62 -6.30 35.28
N ALA B 167 -6.01 -6.51 34.02
CA ALA B 167 -5.15 -6.14 32.91
C ALA B 167 -5.01 -4.62 32.82
N TYR B 168 -3.90 -4.18 32.25
CA TYR B 168 -3.65 -2.74 32.15
C TYR B 168 -4.77 -2.05 31.37
N VAL B 169 -5.14 -2.62 30.23
CA VAL B 169 -6.23 -2.08 29.42
C VAL B 169 -7.51 -2.75 29.90
N PRO B 170 -8.45 -2.03 30.50
CA PRO B 170 -9.53 -2.66 31.27
C PRO B 170 -10.70 -3.18 30.46
N GLU B 171 -10.64 -3.04 29.14
CA GLU B 171 -11.69 -3.57 28.29
CA GLU B 171 -11.73 -3.35 28.22
C GLU B 171 -11.06 -3.89 26.95
N PRO B 172 -11.77 -4.69 26.14
CA PRO B 172 -11.28 -4.99 24.79
CA PRO B 172 -11.25 -4.99 24.80
C PRO B 172 -11.18 -3.72 23.94
N VAL B 173 -10.14 -3.68 23.11
CA VAL B 173 -9.91 -2.56 22.20
C VAL B 173 -10.55 -2.91 20.85
N ASP B 174 -11.40 -2.02 20.36
CA ASP B 174 -11.97 -2.31 19.04
CA ASP B 174 -12.01 -2.25 19.02
C ASP B 174 -10.97 -2.05 17.93
N PHE B 175 -10.31 -0.90 17.96
CA PHE B 175 -9.46 -0.48 16.86
C PHE B 175 -8.14 0.03 17.41
N LEU B 176 -7.05 -0.30 16.73
CA LEU B 176 -5.73 0.16 17.14
C LEU B 176 -5.11 0.80 15.91
N ILE B 177 -4.58 2.00 16.07
CA ILE B 177 -3.91 2.74 14.99
C ILE B 177 -2.46 2.97 15.37
N ARG B 178 -1.54 2.63 14.47
CA ARG B 178 -0.13 3.01 14.66
C ARG B 178 0.38 3.77 13.43
N PRO B 179 0.52 5.09 13.52
CA PRO B 179 1.17 5.85 12.45
C PRO B 179 2.69 5.66 12.56
N GLY B 180 3.41 6.27 11.62
CA GLY B 180 4.86 6.29 11.74
C GLY B 180 5.60 5.20 10.99
N GLY B 181 4.90 4.35 10.25
CA GLY B 181 5.54 3.46 9.28
C GLY B 181 5.96 2.09 9.80
N HIS B 182 6.03 1.90 11.10
CA HIS B 182 6.48 0.62 11.65
C HIS B 182 5.30 -0.32 11.91
N VAL B 183 5.42 -1.54 11.41
CA VAL B 183 4.33 -2.51 11.54
C VAL B 183 4.76 -3.51 12.61
N ARG B 184 4.55 -3.13 13.88
CA ARG B 184 5.00 -3.86 15.05
C ARG B 184 4.28 -3.28 16.25
N MET B 185 4.25 -4.05 17.34
CA MET B 185 3.55 -3.58 18.52
C MET B 185 4.45 -2.97 19.55
N SER B 186 5.77 -3.27 19.49
CA SER B 186 6.75 -2.58 20.33
C SER B 186 6.40 -2.53 21.82
N SER B 187 5.91 -3.64 22.34
CA SER B 187 5.60 -3.78 23.76
C SER B 187 4.24 -3.15 24.08
N PHE B 188 3.47 -2.69 23.10
CA PHE B 188 2.21 -1.99 23.35
C PHE B 188 0.97 -2.85 23.09
N TYR B 189 1.13 -4.16 22.84
CA TYR B 189 -0.05 -4.95 22.52
C TYR B 189 -1.02 -5.02 23.70
N PRO B 190 -2.32 -4.82 23.46
CA PRO B 190 -3.32 -4.89 24.55
C PRO B 190 -3.74 -6.34 24.81
N LEU B 191 -3.40 -6.82 26.01
CA LEU B 191 -3.48 -8.24 26.38
C LEU B 191 -4.82 -8.88 26.06
N MET B 192 -5.92 -8.22 26.47
CA MET B 192 -7.25 -8.83 26.44
C MET B 192 -8.05 -8.40 25.22
N SER B 193 -7.39 -8.12 24.11
CA SER B 193 -8.07 -7.72 22.88
C SER B 193 -7.84 -8.70 21.71
N PRO B 194 -8.29 -9.95 21.84
CA PRO B 194 -8.09 -10.90 20.73
C PRO B 194 -8.77 -10.46 19.45
N PHE B 195 -9.80 -9.64 19.53
CA PHE B 195 -10.55 -9.32 18.31
C PHE B 195 -10.31 -7.88 17.85
N ALA B 196 -9.24 -7.24 18.34
CA ALA B 196 -8.92 -5.89 17.87
C ALA B 196 -8.56 -5.91 16.40
N GLU B 197 -9.01 -4.88 15.69
CA GLU B 197 -8.57 -4.62 14.32
C GLU B 197 -7.43 -3.61 14.35
N MET B 198 -6.38 -3.84 13.54
CA MET B 198 -5.19 -2.99 13.54
C MET B 198 -5.10 -2.19 12.24
N TYR B 199 -4.61 -0.95 12.35
CA TYR B 199 -4.38 -0.14 11.16
C TYR B 199 -3.03 0.53 11.29
N PHE B 200 -2.21 0.42 10.25
CA PHE B 200 -0.87 1.00 10.22
C PHE B 200 -0.80 1.98 9.07
N CYS B 201 -0.11 3.10 9.25
CA CYS B 201 0.10 3.99 8.12
C CYS B 201 1.48 4.64 8.23
N PRO B 202 2.06 5.06 7.11
CA PRO B 202 3.41 5.61 7.15
C PRO B 202 3.49 7.02 7.71
N THR B 203 2.41 7.77 7.62
CA THR B 203 2.40 9.17 8.06
C THR B 203 2.92 9.28 9.48
N LEU B 204 3.89 10.17 9.70
CA LEU B 204 4.33 10.44 11.07
C LEU B 204 3.17 11.04 11.87
N LEU B 205 3.10 10.70 13.17
CA LEU B 205 1.98 11.20 13.97
C LEU B 205 1.81 12.71 13.82
N ASN B 206 2.91 13.46 13.87
CA ASN B 206 2.75 14.92 13.86
C ASN B 206 2.30 15.46 12.50
N ASP B 207 2.28 14.61 11.47
CA ASP B 207 1.76 15.01 10.17
C ASP B 207 0.33 14.55 9.94
N MET B 208 -0.27 13.80 10.88
CA MET B 208 -1.61 13.27 10.63
CA MET B 208 -1.61 13.26 10.66
C MET B 208 -2.67 14.35 10.65
N THR B 209 -3.50 14.40 9.62
CA THR B 209 -4.63 15.29 9.54
C THR B 209 -5.91 14.57 9.97
N ARG B 210 -6.97 15.37 10.15
CA ARG B 210 -8.25 14.74 10.44
C ARG B 210 -8.69 13.85 9.28
N ALA B 211 -8.40 14.25 8.04
CA ALA B 211 -8.75 13.37 6.93
C ALA B 211 -8.00 12.05 7.01
N ASP B 212 -6.72 12.09 7.38
CA ASP B 212 -5.96 10.85 7.58
C ASP B 212 -6.64 9.94 8.62
N PHE B 213 -7.05 10.55 9.75
CA PHE B 213 -7.78 9.78 10.76
C PHE B 213 -9.10 9.24 10.21
N ASP B 214 -9.85 10.07 9.48
CA ASP B 214 -11.13 9.62 8.94
C ASP B 214 -10.95 8.45 7.99
N VAL B 215 -9.92 8.50 7.12
CA VAL B 215 -9.76 7.35 6.21
C VAL B 215 -9.26 6.10 6.93
N ALA B 216 -8.50 6.27 8.03
CA ALA B 216 -8.19 5.12 8.87
C ALA B 216 -9.46 4.50 9.44
N LEU B 217 -10.41 5.34 9.90
CA LEU B 217 -11.65 4.79 10.46
C LEU B 217 -12.48 4.14 9.38
N GLU B 218 -12.48 4.69 8.16
CA GLU B 218 -13.18 4.00 7.07
C GLU B 218 -12.64 2.59 6.90
N ASP B 219 -11.31 2.46 6.87
CA ASP B 219 -10.66 1.17 6.71
C ASP B 219 -11.03 0.24 7.86
N LEU B 220 -10.95 0.73 9.08
CA LEU B 220 -11.22 -0.09 10.26
C LEU B 220 -12.70 -0.52 10.33
N ARG B 221 -13.62 0.40 10.05
CA ARG B 221 -15.05 0.16 10.22
C ARG B 221 -15.59 -0.73 9.11
N GLU B 222 -14.96 -0.72 7.95
CA GLU B 222 -15.51 -1.41 6.81
C GLU B 222 -15.06 -2.86 6.75
N ARG B 223 -14.31 -3.31 7.77
CA ARG B 223 -13.94 -4.72 7.83
C ARG B 223 -15.11 -5.59 8.27
N ASP B 224 -15.89 -5.14 9.26
CA ASP B 224 -17.04 -5.91 9.74
C ASP B 224 -18.22 -5.79 8.78
N MET C 15 0.87 29.65 -7.81
CA MET C 15 0.86 28.74 -8.96
C MET C 15 -0.49 28.02 -9.11
N MET C 16 -1.06 28.12 -10.30
CA MET C 16 -2.35 27.51 -10.59
C MET C 16 -2.21 26.01 -10.81
N THR C 17 -3.20 25.24 -10.35
CA THR C 17 -3.26 23.81 -10.63
C THR C 17 -4.65 23.45 -11.12
N ASN C 18 -4.73 22.36 -11.88
CA ASN C 18 -6.00 21.79 -12.27
C ASN C 18 -6.06 20.32 -11.85
N LEU C 19 -7.24 19.73 -12.03
CA LEU C 19 -7.49 18.37 -11.52
C LEU C 19 -8.37 17.61 -12.51
N MET C 20 -8.05 16.34 -12.76
CA MET C 20 -8.84 15.48 -13.63
C MET C 20 -9.34 14.26 -12.86
N LEU C 21 -10.59 13.89 -13.08
CA LEU C 21 -11.17 12.69 -12.50
C LEU C 21 -11.58 11.73 -13.60
N LEU C 22 -11.22 10.44 -13.41
CA LEU C 22 -11.64 9.33 -14.28
C LEU C 22 -12.72 8.56 -13.58
N PRO C 23 -14.00 8.80 -13.82
CA PRO C 23 -15.05 8.12 -13.06
C PRO C 23 -15.03 6.62 -13.32
N ASP C 24 -15.18 5.84 -12.25
CA ASP C 24 -15.20 4.40 -12.41
C ASP C 24 -15.94 3.77 -11.25
N GLY C 25 -16.52 2.61 -11.53
CA GLY C 25 -17.10 1.80 -10.50
C GLY C 25 -18.63 1.75 -10.47
N MET C 26 -19.31 2.22 -11.52
CA MET C 26 -20.77 2.32 -11.40
C MET C 26 -21.46 0.96 -11.48
N ARG C 27 -20.97 0.06 -12.33
CA ARG C 27 -21.60 -1.27 -12.39
C ARG C 27 -21.42 -2.01 -11.07
N ARG C 28 -20.18 -2.03 -10.54
CA ARG C 28 -19.96 -2.69 -9.24
C ARG C 28 -20.75 -2.07 -8.12
N TRP C 29 -20.89 -0.73 -8.12
CA TRP C 29 -21.64 -0.11 -7.05
C TRP C 29 -23.10 -0.52 -7.15
N SER C 30 -23.61 -0.65 -8.38
CA SER C 30 -25.01 -1.09 -8.50
C SER C 30 -25.17 -2.49 -7.94
N GLN C 31 -24.19 -3.36 -8.16
CA GLN C 31 -24.30 -4.71 -7.57
C GLN C 31 -24.26 -4.66 -6.05
N LYS C 32 -23.36 -3.85 -5.50
CA LYS C 32 -23.22 -3.71 -4.05
C LYS C 32 -24.51 -3.22 -3.37
N GLN C 33 -25.17 -2.23 -3.96
CA GLN C 33 -26.37 -1.65 -3.38
C GLN C 33 -27.62 -2.46 -3.67
N GLY C 34 -27.54 -3.42 -4.59
CA GLY C 34 -28.74 -4.13 -5.00
C GLY C 34 -29.70 -3.25 -5.75
N ILE C 35 -29.17 -2.37 -6.61
CA ILE C 35 -29.98 -1.42 -7.34
C ILE C 35 -29.61 -1.47 -8.81
N SER C 36 -30.42 -0.79 -9.59
CA SER C 36 -30.25 -0.73 -11.03
C SER C 36 -29.03 0.09 -11.40
N LEU C 37 -28.57 -0.12 -12.63
CA LEU C 37 -27.51 0.72 -13.14
C LEU C 37 -27.97 2.17 -13.18
N ASP C 38 -29.22 2.41 -13.57
CA ASP C 38 -29.75 3.78 -13.55
C ASP C 38 -29.59 4.41 -12.18
N ASP C 39 -29.91 3.67 -11.12
CA ASP C 39 -29.82 4.24 -9.77
C ASP C 39 -28.36 4.48 -9.37
N SER C 40 -27.45 3.62 -9.84
CA SER C 40 -26.05 3.87 -9.57
C SER C 40 -25.58 5.12 -10.29
N TYR C 41 -26.04 5.33 -11.53
CA TYR C 41 -25.65 6.55 -12.23
C TYR C 41 -26.29 7.78 -11.58
N ALA C 42 -27.46 7.64 -10.96
CA ALA C 42 -28.02 8.78 -10.22
C ALA C 42 -27.15 9.14 -9.02
N ALA C 43 -26.64 8.12 -8.32
CA ALA C 43 -25.69 8.37 -7.25
C ALA C 43 -24.43 9.00 -7.81
N MET C 44 -24.01 8.57 -9.01
CA MET C 44 -22.82 9.18 -9.63
C MET C 44 -23.05 10.66 -9.89
N THR C 45 -24.22 11.03 -10.43
CA THR C 45 -24.50 12.45 -10.65
C THR C 45 -24.32 13.22 -9.36
N ASP C 46 -24.97 12.74 -8.29
CA ASP C 46 -24.85 13.43 -7.00
C ASP C 46 -23.39 13.54 -6.56
N LYS C 47 -22.64 12.44 -6.71
CA LYS C 47 -21.25 12.43 -6.27
C LYS C 47 -20.40 13.38 -7.10
N LEU C 48 -20.66 13.46 -8.41
CA LEU C 48 -19.87 14.35 -9.27
C LEU C 48 -20.21 15.81 -9.00
N VAL C 49 -21.45 16.14 -8.64
CA VAL C 49 -21.70 17.51 -8.19
C VAL C 49 -20.90 17.80 -6.91
N GLU C 50 -20.90 16.86 -5.96
CA GLU C 50 -20.08 17.03 -4.76
C GLU C 50 -18.60 17.27 -5.13
N PHE C 51 -18.07 16.39 -5.98
CA PHE C 51 -16.66 16.41 -6.33
C PHE C 51 -16.29 17.71 -7.01
N THR C 52 -17.17 18.19 -7.90
CA THR C 52 -16.95 19.48 -8.57
C THR C 52 -16.82 20.58 -7.54
N GLY C 53 -17.69 20.54 -6.52
CA GLY C 53 -17.59 21.55 -5.46
C GLY C 53 -16.32 21.41 -4.63
N TRP C 54 -15.91 20.18 -4.32
CA TRP C 54 -14.66 20.00 -3.60
C TRP C 54 -13.49 20.55 -4.40
N ALA C 55 -13.46 20.27 -5.71
CA ALA C 55 -12.37 20.76 -6.54
C ALA C 55 -12.33 22.28 -6.56
N ARG C 56 -13.51 22.91 -6.65
CA ARG C 56 -13.56 24.37 -6.63
C ARG C 56 -13.05 24.90 -5.30
N GLU C 57 -13.48 24.28 -4.19
CA GLU C 57 -13.06 24.74 -2.86
CA GLU C 57 -13.06 24.75 -2.88
C GLU C 57 -11.57 24.63 -2.69
N GLU C 58 -10.96 23.61 -3.31
CA GLU C 58 -9.52 23.38 -3.22
C GLU C 58 -8.72 24.26 -4.20
N GLY C 59 -9.37 25.16 -4.92
CA GLY C 59 -8.64 26.15 -5.69
C GLY C 59 -8.23 25.73 -7.07
N PHE C 60 -8.65 24.57 -7.52
CA PHE C 60 -8.31 24.17 -8.88
C PHE C 60 -8.95 25.08 -9.88
N THR C 61 -8.22 25.38 -10.96
CA THR C 61 -8.73 26.30 -11.97
C THR C 61 -9.78 25.64 -12.84
N THR C 62 -9.52 24.39 -13.23
CA THR C 62 -10.44 23.60 -14.02
C THR C 62 -10.48 22.21 -13.40
N PHE C 63 -11.69 21.64 -13.37
CA PHE C 63 -11.91 20.26 -13.00
C PHE C 63 -12.33 19.55 -14.28
N TYR C 64 -11.49 18.66 -14.76
CA TYR C 64 -11.73 17.87 -15.97
C TYR C 64 -12.35 16.55 -15.58
N VAL C 65 -13.39 16.15 -16.31
CA VAL C 65 -14.01 14.83 -16.11
C VAL C 65 -13.95 14.06 -17.42
N THR C 66 -13.40 12.84 -17.36
CA THR C 66 -13.31 12.01 -18.57
C THR C 66 -14.62 11.23 -18.66
N VAL C 67 -15.58 11.79 -19.39
CA VAL C 67 -16.94 11.24 -19.41
C VAL C 67 -16.97 9.87 -20.04
N SER C 68 -16.22 9.69 -21.11
CA SER C 68 -16.39 8.50 -21.93
C SER C 68 -15.21 8.32 -22.84
N SER C 69 -15.01 7.06 -23.23
CA SER C 69 -14.12 6.69 -24.33
C SER C 69 -14.92 6.60 -25.62
N VAL C 70 -14.21 6.48 -26.75
CA VAL C 70 -14.92 6.16 -28.00
C VAL C 70 -15.64 4.82 -27.87
N ALA C 71 -14.97 3.82 -27.29
CA ALA C 71 -15.54 2.48 -27.19
C ALA C 71 -16.86 2.48 -26.43
N ASN C 72 -16.99 3.35 -25.43
CA ASN C 72 -18.23 3.40 -24.64
C ASN C 72 -19.48 3.59 -25.51
N TYR C 73 -19.34 4.26 -26.65
CA TYR C 73 -20.51 4.55 -27.48
C TYR C 73 -20.94 3.37 -28.33
N SER C 74 -20.22 2.24 -28.22
CA SER C 74 -20.68 1.00 -28.84
C SER C 74 -21.54 0.16 -27.90
N ARG C 75 -21.74 0.61 -26.67
CA ARG C 75 -22.73 0.01 -25.77
C ARG C 75 -24.14 0.22 -26.30
N SER C 76 -25.09 -0.43 -25.65
CA SER C 76 -26.49 -0.31 -26.06
C SER C 76 -26.96 1.13 -25.90
N GLU C 77 -28.00 1.47 -26.67
CA GLU C 77 -28.55 2.81 -26.54
C GLU C 77 -29.05 3.06 -25.13
N GLU C 78 -29.61 2.03 -24.48
CA GLU C 78 -30.05 2.21 -23.10
CA GLU C 78 -30.04 2.20 -23.09
C GLU C 78 -28.86 2.57 -22.19
N GLN C 79 -27.73 1.89 -22.34
CA GLN C 79 -26.60 2.17 -21.46
C GLN C 79 -26.01 3.54 -21.77
N VAL C 80 -25.93 3.88 -23.06
CA VAL C 80 -25.37 5.17 -23.45
C VAL C 80 -26.25 6.28 -22.94
N THR C 81 -27.58 6.12 -23.08
CA THR C 81 -28.51 7.12 -22.57
C THR C 81 -28.42 7.26 -21.07
N THR C 82 -28.41 6.14 -20.33
CA THR C 82 -28.27 6.21 -18.88
C THR C 82 -27.03 7.03 -18.50
N ALA C 83 -25.88 6.67 -19.08
CA ALA C 83 -24.65 7.35 -18.69
C ALA C 83 -24.66 8.81 -19.14
N MET C 84 -25.00 9.07 -20.42
CA MET C 84 -24.91 10.44 -20.91
C MET C 84 -25.91 11.34 -20.21
N ASN C 85 -27.10 10.84 -19.92
CA ASN C 85 -28.02 11.68 -19.16
C ASN C 85 -27.46 11.98 -17.78
N ALA C 86 -26.86 10.99 -17.13
CA ALA C 86 -26.37 11.22 -15.77
C ALA C 86 -25.22 12.23 -15.74
N PHE C 87 -24.32 12.16 -16.72
CA PHE C 87 -23.28 13.18 -16.80
C PHE C 87 -23.88 14.54 -17.14
N THR C 88 -24.82 14.58 -18.10
CA THR C 88 -25.41 15.87 -18.46
C THR C 88 -26.14 16.50 -17.27
N GLU C 89 -26.79 15.69 -16.44
CA GLU C 89 -27.49 16.22 -15.27
C GLU C 89 -26.54 16.96 -14.33
N VAL C 90 -25.28 16.53 -14.23
CA VAL C 90 -24.31 17.30 -13.45
C VAL C 90 -24.27 18.74 -13.93
N VAL C 91 -24.16 18.90 -15.25
CA VAL C 91 -24.04 20.22 -15.85
C VAL C 91 -25.35 20.98 -15.69
N ARG C 92 -26.49 20.29 -15.84
CA ARG C 92 -27.76 20.97 -15.63
C ARG C 92 -27.79 21.61 -14.26
N ARG C 93 -27.29 20.90 -13.25
CA ARG C 93 -27.39 21.39 -11.88
C ARG C 93 -26.36 22.48 -11.59
N CYS C 94 -25.17 22.44 -12.19
CA CYS C 94 -24.19 23.41 -11.72
CA CYS C 94 -24.04 23.29 -11.81
C CYS C 94 -23.82 24.48 -12.73
N HIS C 95 -24.35 24.45 -13.95
CA HIS C 95 -23.80 25.32 -15.00
C HIS C 95 -24.00 26.80 -14.70
N ASP C 96 -25.00 27.17 -13.91
CA ASP C 96 -25.28 28.59 -13.83
C ASP C 96 -24.21 29.35 -13.06
N THR C 97 -23.40 28.67 -12.24
CA THR C 97 -22.44 29.38 -11.41
C THR C 97 -21.00 28.96 -11.66
N LEU C 98 -20.72 28.33 -12.80
CA LEU C 98 -19.35 28.07 -13.20
C LEU C 98 -19.28 28.19 -14.72
N ASN C 99 -18.07 28.14 -15.26
CA ASN C 99 -17.83 28.10 -16.71
C ASN C 99 -17.82 26.64 -17.13
N PHE C 100 -18.66 26.26 -18.11
CA PHE C 100 -18.68 24.88 -18.58
C PHE C 100 -18.11 24.78 -19.99
N ASN C 101 -17.27 23.78 -20.25
CA ASN C 101 -16.80 23.54 -21.60
C ASN C 101 -16.68 22.03 -21.83
N TYR C 102 -16.54 21.65 -23.10
CA TYR C 102 -16.44 20.22 -23.42
C TYR C 102 -15.67 20.07 -24.72
N SER C 103 -15.15 18.87 -24.92
CA SER C 103 -14.36 18.57 -26.10
C SER C 103 -14.31 17.06 -26.27
N GLY C 104 -13.72 16.60 -27.38
CA GLY C 104 -13.46 15.19 -27.57
C GLY C 104 -13.80 14.73 -28.97
N THR C 105 -13.97 13.42 -29.12
CA THR C 105 -14.35 12.84 -30.43
C THR C 105 -15.86 13.01 -30.56
N LEU C 106 -16.28 14.23 -30.88
CA LEU C 106 -17.69 14.53 -30.76
C LEU C 106 -18.56 13.76 -31.76
N GLU C 107 -18.00 13.31 -32.88
CA GLU C 107 -18.85 12.65 -33.87
C GLU C 107 -19.43 11.33 -33.39
N VAL C 108 -18.84 10.69 -32.36
CA VAL C 108 -19.41 9.45 -31.86
C VAL C 108 -20.42 9.67 -30.73
N VAL C 109 -20.62 10.91 -30.28
CA VAL C 109 -21.58 11.18 -29.21
C VAL C 109 -22.95 11.40 -29.83
N PRO C 110 -24.02 10.75 -29.36
CA PRO C 110 -25.35 11.02 -29.94
C PRO C 110 -25.63 12.51 -29.89
N GLU C 111 -26.15 13.02 -31.02
CA GLU C 111 -26.25 14.46 -31.20
C GLU C 111 -27.11 15.12 -30.13
N ARG C 112 -28.14 14.44 -29.63
CA ARG C 112 -29.02 15.06 -28.64
C ARG C 112 -28.24 15.53 -27.41
N TRP C 113 -27.23 14.75 -26.99
CA TRP C 113 -26.43 15.20 -25.84
C TRP C 113 -25.54 16.37 -26.19
N LEU C 114 -24.98 16.39 -27.40
CA LEU C 114 -24.17 17.53 -27.84
C LEU C 114 -25.02 18.79 -27.91
N THR C 115 -26.25 18.67 -28.41
CA THR C 115 -27.15 19.83 -28.44
C THR C 115 -27.37 20.39 -27.03
N GLU C 116 -27.67 19.50 -26.08
CA GLU C 116 -27.99 19.97 -24.72
C GLU C 116 -26.74 20.54 -24.07
N LEU C 117 -25.60 19.86 -24.23
CA LEU C 117 -24.37 20.33 -23.60
C LEU C 117 -23.91 21.64 -24.20
N GLU C 118 -24.12 21.86 -25.50
CA GLU C 118 -23.80 23.16 -26.09
C GLU C 118 -24.71 24.24 -25.52
N ALA C 119 -26.00 23.94 -25.34
CA ALA C 119 -26.90 24.94 -24.77
C ALA C 119 -26.49 25.28 -23.36
N LEU C 120 -26.08 24.26 -22.59
CA LEU C 120 -25.65 24.49 -21.24
C LEU C 120 -24.35 25.30 -21.19
N ARG C 121 -23.42 24.99 -22.10
CA ARG C 121 -22.21 25.79 -22.20
C ARG C 121 -22.55 27.26 -22.44
N ALA C 122 -23.43 27.52 -23.40
CA ALA C 122 -23.80 28.90 -23.69
C ALA C 122 -24.46 29.59 -22.51
N LYS C 123 -25.20 28.86 -21.67
CA LYS C 123 -25.85 29.47 -20.53
C LYS C 123 -24.96 29.54 -19.29
N SER C 124 -23.75 28.95 -19.35
CA SER C 124 -22.88 28.93 -18.19
C SER C 124 -22.20 30.28 -18.01
N ASP C 125 -21.52 30.43 -16.88
CA ASP C 125 -20.93 31.73 -16.53
C ASP C 125 -19.52 31.82 -17.09
N SER C 126 -19.37 32.38 -18.29
CA SER C 126 -18.05 32.49 -18.90
C SER C 126 -17.10 33.37 -18.10
N GLN C 127 -17.61 34.15 -17.17
CA GLN C 127 -16.75 35.01 -16.37
C GLN C 127 -16.27 34.33 -15.10
N SER C 128 -16.69 33.09 -14.86
CA SER C 128 -16.32 32.42 -13.63
C SER C 128 -14.83 32.11 -13.57
N ASP C 129 -14.28 32.15 -12.36
CA ASP C 129 -12.91 31.73 -12.13
C ASP C 129 -12.79 30.21 -11.99
N PHE C 130 -13.84 29.46 -12.27
CA PHE C 130 -13.76 28.02 -12.15
C PHE C 130 -14.45 27.38 -13.35
N THR C 131 -13.81 26.37 -13.92
CA THR C 131 -14.34 25.68 -15.09
C THR C 131 -14.55 24.21 -14.79
N LEU C 132 -15.71 23.68 -15.20
CA LEU C 132 -15.96 22.24 -15.31
C LEU C 132 -15.84 21.88 -16.79
N HIS C 133 -14.98 20.91 -17.12
CA HIS C 133 -14.71 20.59 -18.51
C HIS C 133 -14.89 19.10 -18.73
N PHE C 134 -15.83 18.72 -19.60
CA PHE C 134 -16.09 17.32 -19.94
C PHE C 134 -15.31 16.92 -21.18
N ILE C 135 -14.60 15.77 -21.14
CA ILE C 135 -14.03 15.21 -22.36
C ILE C 135 -14.80 13.95 -22.69
N MET C 136 -15.33 13.88 -23.91
CA MET C 136 -16.18 12.77 -24.35
C MET C 136 -15.49 12.05 -25.51
N GLY C 137 -15.69 10.75 -25.59
CA GLY C 137 -15.05 10.03 -26.69
C GLY C 137 -13.53 10.09 -26.66
N MET C 138 -12.92 9.96 -25.49
CA MET C 138 -11.46 9.98 -25.43
C MET C 138 -10.90 8.71 -26.07
N SER C 139 -9.78 8.89 -26.77
CA SER C 139 -9.05 7.81 -27.43
C SER C 139 -7.90 8.47 -28.15
N LEU C 140 -6.66 8.19 -27.77
CA LEU C 140 -5.55 8.90 -28.41
C LEU C 140 -5.50 8.63 -29.90
N ALA C 141 -5.77 7.40 -30.34
CA ALA C 141 -5.74 7.14 -31.78
C ALA C 141 -6.74 8.04 -32.50
N HIS C 142 -7.98 8.14 -31.98
CA HIS C 142 -8.96 9.00 -32.63
C HIS C 142 -8.59 10.47 -32.55
N GLU C 143 -8.05 10.91 -31.42
CA GLU C 143 -7.62 12.28 -31.24
C GLU C 143 -6.57 12.66 -32.29
N VAL C 144 -5.55 11.81 -32.42
CA VAL C 144 -4.43 12.09 -33.33
C VAL C 144 -4.92 12.07 -34.77
N ILE C 145 -5.73 11.07 -35.13
CA ILE C 145 -6.28 11.00 -36.48
C ILE C 145 -7.12 12.22 -36.79
N GLY C 146 -7.93 12.67 -35.84
CA GLY C 146 -8.76 13.85 -36.07
C GLY C 146 -7.93 15.09 -36.31
N ILE C 147 -6.86 15.28 -35.53
CA ILE C 147 -6.02 16.47 -35.70
C ILE C 147 -5.29 16.39 -37.04
N PHE C 148 -4.75 15.23 -37.37
CA PHE C 148 -4.09 15.06 -38.64
C PHE C 148 -5.03 15.41 -39.78
N ASN C 149 -6.23 14.82 -39.76
CA ASN C 149 -7.13 15.01 -40.89
C ASN C 149 -7.62 16.46 -40.97
N LYS C 150 -7.72 17.14 -39.83
CA LYS C 150 -8.11 18.55 -39.86
C LYS C 150 -7.09 19.39 -40.61
N PHE C 151 -5.80 19.12 -40.38
CA PHE C 151 -4.78 20.00 -40.96
C PHE C 151 -4.08 19.45 -42.19
N ASN C 152 -4.32 18.19 -42.54
CA ASN C 152 -3.66 17.53 -43.65
C ASN C 152 -3.71 18.36 -44.93
N GLY C 153 -2.53 18.74 -45.42
CA GLY C 153 -2.43 19.47 -46.68
C GLY C 153 -2.77 20.93 -46.58
N LYS C 154 -3.11 21.39 -45.38
CA LYS C 154 -3.56 22.77 -45.20
C LYS C 154 -2.55 23.67 -44.52
N ILE C 155 -1.52 23.11 -43.87
CA ILE C 155 -0.45 23.87 -43.23
C ILE C 155 0.88 23.23 -43.60
N PRO C 156 1.98 23.99 -43.54
CA PRO C 156 3.27 23.41 -43.94
C PRO C 156 3.85 22.44 -42.93
N ALA C 157 3.47 22.57 -41.66
CA ALA C 157 4.01 21.72 -40.60
C ALA C 157 3.13 21.87 -39.37
N LEU C 158 3.01 20.79 -38.59
CA LEU C 158 2.31 20.88 -37.31
C LEU C 158 3.31 21.36 -36.26
N THR C 159 2.92 22.34 -35.47
CA THR C 159 3.78 22.86 -34.42
C THR C 159 3.22 22.45 -33.06
N GLU C 160 4.07 22.56 -32.03
CA GLU C 160 3.55 22.34 -30.68
C GLU C 160 2.40 23.29 -30.36
N GLU C 161 2.49 24.55 -30.79
CA GLU C 161 1.43 25.54 -30.53
C GLU C 161 0.09 25.09 -31.13
N LEU C 162 0.10 24.69 -32.40
CA LEU C 162 -1.13 24.26 -33.04
C LEU C 162 -1.66 22.98 -32.42
N LEU C 163 -0.76 22.04 -32.13
CA LEU C 163 -1.20 20.80 -31.49
C LEU C 163 -1.85 21.09 -30.15
N ALA C 164 -1.21 21.92 -29.32
CA ALA C 164 -1.78 22.26 -28.02
C ALA C 164 -3.14 22.92 -28.14
N ALA C 165 -3.36 23.74 -29.18
CA ALA C 165 -4.63 24.43 -29.37
C ALA C 165 -5.70 23.52 -29.92
N ASN C 166 -5.33 22.29 -30.33
CA ASN C 166 -6.31 21.38 -30.89
C ASN C 166 -6.47 20.07 -30.13
N ALA C 167 -5.65 19.81 -29.12
CA ALA C 167 -5.84 18.61 -28.32
C ALA C 167 -7.13 18.71 -27.52
N TYR C 168 -7.71 17.54 -27.20
CA TYR C 168 -8.96 17.51 -26.45
C TYR C 168 -8.83 18.23 -25.11
N VAL C 169 -7.78 17.94 -24.35
CA VAL C 169 -7.55 18.62 -23.08
C VAL C 169 -6.67 19.84 -23.38
N PRO C 170 -7.16 21.05 -23.14
CA PRO C 170 -6.55 22.26 -23.72
C PRO C 170 -5.32 22.79 -22.99
N GLU C 171 -4.82 22.06 -21.99
CA GLU C 171 -3.64 22.43 -21.24
C GLU C 171 -3.09 21.17 -20.58
N PRO C 172 -1.84 21.18 -20.13
CA PRO C 172 -1.36 20.05 -19.33
C PRO C 172 -2.16 19.92 -18.04
N VAL C 173 -2.41 18.67 -17.67
CA VAL C 173 -3.12 18.32 -16.44
C VAL C 173 -2.09 18.12 -15.34
N ASP C 174 -2.34 18.74 -14.18
CA ASP C 174 -1.40 18.55 -13.06
C ASP C 174 -1.63 17.23 -12.34
N PHE C 175 -2.86 16.96 -11.94
CA PHE C 175 -3.21 15.83 -11.08
C PHE C 175 -4.38 15.09 -11.68
N LEU C 176 -4.34 13.75 -11.67
CA LEU C 176 -5.51 13.00 -12.07
C LEU C 176 -5.75 11.90 -11.06
N ILE C 177 -7.03 11.63 -10.80
CA ILE C 177 -7.48 10.65 -9.82
C ILE C 177 -8.31 9.60 -10.54
N ARG C 178 -7.96 8.33 -10.32
CA ARG C 178 -8.74 7.20 -10.85
C ARG C 178 -9.15 6.33 -9.69
N PRO C 179 -10.39 6.47 -9.21
CA PRO C 179 -10.93 5.53 -8.24
C PRO C 179 -11.31 4.22 -8.95
N GLY C 180 -11.77 3.25 -8.16
CA GLY C 180 -12.32 2.02 -8.69
C GLY C 180 -11.35 0.86 -8.82
N GLY C 181 -10.10 1.04 -8.43
CA GLY C 181 -9.20 -0.09 -8.29
C GLY C 181 -8.36 -0.48 -9.50
N HIS C 182 -8.68 0.00 -10.70
CA HIS C 182 -7.86 -0.41 -11.85
C HIS C 182 -6.67 0.51 -11.95
N VAL C 183 -5.48 -0.08 -12.06
CA VAL C 183 -4.25 0.69 -12.15
C VAL C 183 -3.83 0.69 -13.63
N ARG C 184 -4.49 1.56 -14.37
CA ARG C 184 -4.31 1.63 -15.82
C ARG C 184 -4.98 2.91 -16.27
N MET C 185 -4.62 3.38 -17.47
CA MET C 185 -5.19 4.62 -17.97
C MET C 185 -6.24 4.46 -19.04
N SER C 186 -6.43 3.24 -19.54
CA SER C 186 -7.47 3.00 -20.53
C SER C 186 -7.31 3.99 -21.70
N SER C 187 -8.40 4.57 -22.19
CA SER C 187 -8.31 5.53 -23.29
C SER C 187 -8.11 6.95 -22.83
N PHE C 188 -7.79 7.17 -21.54
CA PHE C 188 -7.93 8.49 -20.92
C PHE C 188 -6.63 9.23 -20.68
N TYR C 189 -5.47 8.77 -21.17
CA TYR C 189 -4.26 9.52 -20.85
C TYR C 189 -4.27 10.84 -21.64
N PRO C 190 -4.03 11.99 -21.01
CA PRO C 190 -4.13 13.27 -21.73
C PRO C 190 -2.91 13.55 -22.58
N LEU C 191 -3.17 13.77 -23.88
CA LEU C 191 -2.11 13.84 -24.89
C LEU C 191 -1.00 14.82 -24.49
N MET C 192 -1.38 16.02 -24.01
CA MET C 192 -0.38 17.05 -23.76
C MET C 192 0.02 17.15 -22.30
N SER C 193 -0.05 16.04 -21.56
CA SER C 193 0.32 16.01 -20.15
C SER C 193 1.45 15.02 -19.87
N PRO C 194 2.67 15.27 -20.36
CA PRO C 194 3.77 14.34 -20.09
C PRO C 194 4.06 14.11 -18.62
N PHE C 195 3.81 15.11 -17.77
CA PHE C 195 4.21 15.01 -16.38
C PHE C 195 3.03 15.07 -15.42
N ALA C 196 1.83 14.72 -15.90
CA ALA C 196 0.71 14.63 -14.96
C ALA C 196 0.99 13.61 -13.85
N GLU C 197 0.59 13.96 -12.63
CA GLU C 197 0.67 13.04 -11.51
C GLU C 197 -0.58 12.19 -11.47
N MET C 198 -0.43 10.87 -11.35
CA MET C 198 -1.55 9.95 -11.38
C MET C 198 -1.76 9.40 -9.99
N TYR C 199 -3.00 9.34 -9.54
CA TYR C 199 -3.32 8.75 -8.25
C TYR C 199 -4.42 7.74 -8.45
N PHE C 200 -4.19 6.52 -7.95
CA PHE C 200 -5.16 5.44 -8.07
C PHE C 200 -5.62 5.04 -6.69
N CYS C 201 -6.91 4.72 -6.56
CA CYS C 201 -7.35 4.19 -5.28
C CYS C 201 -8.45 3.16 -5.51
N PRO C 202 -8.61 2.21 -4.59
CA PRO C 202 -9.58 1.15 -4.84
C PRO C 202 -11.02 1.58 -4.65
N THR C 203 -11.27 2.60 -3.84
CA THR C 203 -12.63 3.04 -3.53
C THR C 203 -13.44 3.28 -4.80
N LEU C 204 -14.66 2.76 -4.86
CA LEU C 204 -15.54 3.09 -5.98
C LEU C 204 -15.90 4.57 -5.93
N LEU C 205 -16.06 5.20 -7.11
CA LEU C 205 -16.39 6.64 -7.10
C LEU C 205 -17.57 6.95 -6.19
N ASN C 206 -18.65 6.16 -6.26
CA ASN C 206 -19.85 6.50 -5.53
C ASN C 206 -19.68 6.31 -4.02
N ASP C 207 -18.58 5.69 -3.59
CA ASP C 207 -18.28 5.58 -2.17
C ASP C 207 -17.27 6.61 -1.68
N MET C 208 -16.72 7.46 -2.56
CA MET C 208 -15.66 8.36 -2.12
CA MET C 208 -15.65 8.38 -2.16
C MET C 208 -16.22 9.48 -1.27
N THR C 209 -15.58 9.69 -0.13
CA THR C 209 -15.92 10.76 0.79
C THR C 209 -14.99 11.95 0.55
N ARG C 210 -15.35 13.07 1.17
CA ARG C 210 -14.45 14.21 1.12
C ARG C 210 -13.11 13.87 1.75
N ALA C 211 -13.10 13.04 2.80
CA ALA C 211 -11.83 12.62 3.39
C ALA C 211 -10.99 11.82 2.40
N ASP C 212 -11.63 10.93 1.63
CA ASP C 212 -10.91 10.18 0.59
C ASP C 212 -10.28 11.14 -0.42
N PHE C 213 -11.06 12.14 -0.86
CA PHE C 213 -10.53 13.18 -1.75
C PHE C 213 -9.37 13.94 -1.11
N ASP C 214 -9.53 14.31 0.17
CA ASP C 214 -8.49 15.07 0.83
C ASP C 214 -7.17 14.29 0.93
N VAL C 215 -7.26 12.98 1.22
CA VAL C 215 -5.98 12.26 1.34
CA VAL C 215 -6.03 12.19 1.35
C VAL C 215 -5.38 12.00 -0.03
N ALA C 216 -6.23 11.92 -1.09
CA ALA C 216 -5.69 11.88 -2.45
C ALA C 216 -4.89 13.16 -2.75
N LEU C 217 -5.45 14.30 -2.38
CA LEU C 217 -4.72 15.56 -2.61
C LEU C 217 -3.45 15.64 -1.77
N GLU C 218 -3.48 15.12 -0.53
CA GLU C 218 -2.24 15.08 0.24
C GLU C 218 -1.16 14.33 -0.52
N ASP C 219 -1.53 13.16 -1.03
CA ASP C 219 -0.59 12.33 -1.79
C ASP C 219 -0.10 13.07 -3.04
N LEU C 220 -1.03 13.67 -3.79
CA LEU C 220 -0.65 14.33 -5.04
C LEU C 220 0.25 15.54 -4.79
N ARG C 221 -0.11 16.38 -3.80
CA ARG C 221 0.60 17.63 -3.56
C ARG C 221 1.96 17.39 -2.92
N GLU C 222 2.15 16.23 -2.25
CA GLU C 222 3.44 15.96 -1.62
C GLU C 222 4.52 15.61 -2.64
N ARG C 223 4.12 15.19 -3.84
CA ARG C 223 5.11 14.62 -4.75
C ARG C 223 6.05 15.69 -5.29
N ASP C 224 7.32 15.34 -5.37
CA ASP C 224 8.31 16.22 -5.99
CA ASP C 224 8.30 16.24 -5.98
C ASP C 224 8.21 16.09 -7.50
N ARG C 225 7.83 17.17 -8.17
CA ARG C 225 7.70 17.16 -9.63
C ARG C 225 9.03 17.66 -10.21
N ARG C 226 9.63 16.86 -11.09
CA ARG C 226 10.95 17.16 -11.63
C ARG C 226 10.97 17.39 -13.13
N TYR C 227 9.92 17.00 -13.85
CA TYR C 227 9.80 17.30 -15.30
C TYR C 227 11.01 16.82 -16.09
N GLY C 228 11.54 15.67 -15.70
CA GLY C 228 12.61 15.03 -16.46
C GLY C 228 13.98 15.58 -16.17
N LEU C 229 14.11 16.51 -15.24
CA LEU C 229 15.37 17.16 -14.87
C LEU C 229 15.80 16.75 -13.47
N TYR C 230 17.05 17.12 -13.13
CA TYR C 230 17.49 16.91 -11.77
C TYR C 230 17.34 18.19 -10.97
N PRO C 231 17.13 18.08 -9.65
CA PRO C 231 17.09 19.29 -8.82
C PRO C 231 18.39 20.07 -8.96
N VAL C 232 18.27 21.39 -8.99
CA VAL C 232 19.41 22.27 -9.26
C VAL C 232 20.37 22.34 -8.07
N MET D 15 1.33 -17.22 -28.23
CA MET D 15 0.74 -16.05 -27.56
C MET D 15 1.81 -14.99 -27.32
N MET D 16 1.85 -13.98 -28.20
CA MET D 16 2.87 -12.95 -28.09
C MET D 16 2.59 -12.06 -26.88
N THR D 17 3.60 -11.84 -26.05
CA THR D 17 3.47 -10.97 -24.88
C THR D 17 4.62 -9.99 -24.88
N ASN D 18 4.42 -8.84 -24.26
CA ASN D 18 5.52 -7.89 -24.17
C ASN D 18 5.47 -7.15 -22.83
N LEU D 19 6.58 -6.49 -22.50
CA LEU D 19 6.76 -5.80 -21.22
C LEU D 19 7.52 -4.53 -21.47
N MET D 20 7.11 -3.45 -20.81
CA MET D 20 7.78 -2.16 -20.92
C MET D 20 8.25 -1.73 -19.54
N LEU D 21 9.52 -1.32 -19.43
CA LEU D 21 10.10 -0.85 -18.17
C LEU D 21 10.46 0.61 -18.31
N LEU D 22 10.06 1.40 -17.29
CA LEU D 22 10.44 2.81 -17.14
C LEU D 22 11.51 2.91 -16.07
N PRO D 23 12.79 2.88 -16.42
CA PRO D 23 13.84 2.92 -15.39
C PRO D 23 13.76 4.21 -14.59
N ASP D 24 13.94 4.08 -13.27
CA ASP D 24 13.95 5.29 -12.47
C ASP D 24 14.68 5.01 -11.18
N GLY D 25 15.30 6.05 -10.65
CA GLY D 25 15.85 6.02 -9.30
C GLY D 25 17.36 6.06 -9.22
N MET D 26 18.07 6.42 -10.29
CA MET D 26 19.53 6.30 -10.29
C MET D 26 20.19 7.39 -9.45
N ARG D 27 19.69 8.62 -9.50
CA ARG D 27 20.31 9.67 -8.68
C ARG D 27 20.08 9.38 -7.21
N ARG D 28 18.84 9.01 -6.84
CA ARG D 28 18.59 8.66 -5.45
C ARG D 28 19.44 7.47 -5.03
N TRP D 29 19.64 6.50 -5.91
CA TRP D 29 20.45 5.35 -5.52
C TRP D 29 21.91 5.77 -5.32
N SER D 30 22.42 6.71 -6.13
CA SER D 30 23.78 7.18 -5.90
C SER D 30 23.88 7.85 -4.54
N GLN D 31 22.86 8.60 -4.14
CA GLN D 31 22.89 9.22 -2.81
C GLN D 31 22.79 8.16 -1.70
N LYS D 32 21.91 7.18 -1.88
CA LYS D 32 21.76 6.10 -0.90
C LYS D 32 23.05 5.34 -0.70
N GLN D 33 23.77 5.05 -1.79
CA GLN D 33 24.97 4.23 -1.73
C GLN D 33 26.22 5.03 -1.44
N GLY D 34 26.14 6.35 -1.51
CA GLY D 34 27.33 7.16 -1.34
C GLY D 34 28.32 7.04 -2.48
N ILE D 35 27.83 6.99 -3.72
CA ILE D 35 28.67 6.80 -4.89
C ILE D 35 28.31 7.85 -5.94
N SER D 36 29.11 7.89 -6.99
CA SER D 36 28.91 8.84 -8.07
C SER D 36 27.70 8.47 -8.90
N LEU D 37 27.20 9.45 -9.65
CA LEU D 37 26.15 9.15 -10.60
C LEU D 37 26.61 8.15 -11.66
N ASP D 38 27.88 8.26 -12.11
CA ASP D 38 28.43 7.26 -13.04
C ASP D 38 28.35 5.87 -12.45
N ASP D 39 28.71 5.69 -11.18
CA ASP D 39 28.67 4.35 -10.60
C ASP D 39 27.24 3.84 -10.42
N SER D 40 26.30 4.73 -10.11
CA SER D 40 24.91 4.31 -10.05
C SER D 40 24.40 3.91 -11.42
N TYR D 41 24.75 4.67 -12.47
CA TYR D 41 24.36 4.26 -13.81
C TYR D 41 25.07 2.98 -14.24
N ALA D 42 26.28 2.70 -13.70
CA ALA D 42 26.90 1.42 -14.00
C ALA D 42 26.13 0.27 -13.37
N ALA D 43 25.64 0.48 -12.14
CA ALA D 43 24.76 -0.52 -11.53
C ALA D 43 23.49 -0.66 -12.32
N MET D 44 23.00 0.43 -12.92
CA MET D 44 21.81 0.32 -13.77
C MET D 44 22.09 -0.53 -14.99
N THR D 45 23.24 -0.34 -15.65
CA THR D 45 23.58 -1.22 -16.77
C THR D 45 23.52 -2.68 -16.34
N ASP D 46 24.19 -3.02 -15.22
CA ASP D 46 24.15 -4.39 -14.71
C ASP D 46 22.71 -4.86 -14.48
N LYS D 47 21.90 -4.00 -13.86
CA LYS D 47 20.54 -4.38 -13.52
C LYS D 47 19.67 -4.57 -14.75
N LEU D 48 19.88 -3.72 -15.77
CA LEU D 48 19.08 -3.87 -16.98
C LEU D 48 19.45 -5.11 -17.78
N VAL D 49 20.73 -5.50 -17.78
CA VAL D 49 21.06 -6.79 -18.38
C VAL D 49 20.36 -7.92 -17.64
N GLU D 50 20.37 -7.87 -16.29
CA GLU D 50 19.61 -8.84 -15.51
C GLU D 50 18.13 -8.84 -15.92
N PHE D 51 17.51 -7.65 -15.94
CA PHE D 51 16.08 -7.52 -16.19
C PHE D 51 15.72 -8.05 -17.57
N THR D 52 16.57 -7.77 -18.54
CA THR D 52 16.38 -8.29 -19.90
C THR D 52 16.36 -9.81 -19.90
N GLY D 53 17.26 -10.44 -19.12
CA GLY D 53 17.22 -11.89 -19.01
C GLY D 53 15.98 -12.39 -18.30
N TRP D 54 15.56 -11.69 -17.25
CA TRP D 54 14.33 -12.09 -16.58
C TRP D 54 13.13 -12.02 -17.52
N ALA D 55 13.04 -10.96 -18.32
CA ALA D 55 11.94 -10.84 -19.28
C ALA D 55 11.99 -11.97 -20.30
N ARG D 56 13.19 -12.29 -20.79
CA ARG D 56 13.28 -13.37 -21.77
C ARG D 56 12.89 -14.70 -21.15
N GLU D 57 13.29 -14.96 -19.90
CA GLU D 57 12.92 -16.21 -19.24
C GLU D 57 11.42 -16.30 -19.01
N GLU D 58 10.78 -15.15 -18.82
CA GLU D 58 9.34 -15.12 -18.58
C GLU D 58 8.54 -15.20 -19.86
N GLY D 59 9.20 -15.39 -20.99
CA GLY D 59 8.50 -15.64 -22.24
C GLY D 59 8.08 -14.42 -23.01
N PHE D 60 8.45 -13.21 -22.58
CA PHE D 60 8.09 -12.03 -23.33
C PHE D 60 8.79 -12.03 -24.69
N THR D 61 8.04 -11.65 -25.72
CA THR D 61 8.63 -11.59 -27.05
CA THR D 61 8.64 -11.58 -27.06
C THR D 61 9.49 -10.34 -27.23
N THR D 62 9.05 -9.22 -26.66
CA THR D 62 9.79 -7.97 -26.74
C THR D 62 9.82 -7.34 -25.36
N PHE D 63 10.98 -6.82 -25.01
CA PHE D 63 11.17 -6.02 -23.80
C PHE D 63 11.48 -4.60 -24.23
N TYR D 64 10.55 -3.68 -23.93
CA TYR D 64 10.71 -2.26 -24.23
C TYR D 64 11.31 -1.55 -23.03
N VAL D 65 12.34 -0.74 -23.27
CA VAL D 65 12.96 0.09 -22.24
C VAL D 65 12.86 1.53 -22.69
N THR D 66 12.26 2.39 -21.86
CA THR D 66 12.14 3.80 -22.19
C THR D 66 13.45 4.50 -21.78
N VAL D 67 14.36 4.70 -22.73
CA VAL D 67 15.70 5.22 -22.43
C VAL D 67 15.64 6.67 -22.00
N SER D 68 14.82 7.47 -22.69
CA SER D 68 14.88 8.89 -22.47
C SER D 68 13.60 9.56 -22.99
N SER D 69 13.26 10.67 -22.36
CA SER D 69 12.28 11.60 -22.88
C SER D 69 12.98 12.73 -23.60
N VAL D 70 12.21 13.54 -24.34
CA VAL D 70 12.80 14.78 -24.84
C VAL D 70 13.33 15.63 -23.70
N ALA D 71 12.55 15.76 -22.62
CA ALA D 71 12.96 16.59 -21.49
C ALA D 71 14.30 16.17 -20.90
N ASN D 72 14.56 14.85 -20.86
CA ASN D 72 15.80 14.33 -20.28
C ASN D 72 17.03 14.90 -20.97
N TYR D 73 16.93 15.29 -22.26
CA TYR D 73 18.12 15.79 -22.94
C TYR D 73 18.44 17.22 -22.55
N SER D 74 17.62 17.84 -21.70
CA SER D 74 17.95 19.11 -21.06
C SER D 74 18.58 18.95 -19.67
N ARG D 75 18.82 17.72 -19.23
CA ARG D 75 19.76 17.50 -18.14
C ARG D 75 21.15 17.98 -18.60
N SER D 76 22.12 18.01 -17.70
CA SER D 76 23.44 18.50 -18.09
C SER D 76 24.07 17.62 -19.15
N GLU D 77 25.05 18.18 -19.86
CA GLU D 77 25.73 17.39 -20.87
C GLU D 77 26.38 16.17 -20.27
N GLU D 78 26.98 16.31 -19.08
CA GLU D 78 27.61 15.17 -18.41
C GLU D 78 26.57 14.13 -18.04
N GLN D 79 25.40 14.59 -17.57
CA GLN D 79 24.32 13.66 -17.19
CA GLN D 79 24.35 13.63 -17.19
C GLN D 79 23.84 12.88 -18.41
N VAL D 80 23.66 13.57 -19.53
CA VAL D 80 23.26 12.89 -20.77
C VAL D 80 24.29 11.85 -21.19
N THR D 81 25.59 12.19 -21.14
CA THR D 81 26.60 11.18 -21.45
C THR D 81 26.52 9.99 -20.53
N THR D 82 26.44 10.24 -19.22
CA THR D 82 26.39 9.16 -18.23
C THR D 82 25.26 8.19 -18.59
N ALA D 83 24.06 8.76 -18.78
CA ALA D 83 22.90 7.91 -19.03
C ALA D 83 22.99 7.21 -20.38
N MET D 84 23.29 7.97 -21.43
CA MET D 84 23.29 7.36 -22.77
C MET D 84 24.38 6.30 -22.89
N ASN D 85 25.55 6.53 -22.28
CA ASN D 85 26.55 5.48 -22.30
C ASN D 85 26.09 4.25 -21.54
N ALA D 86 25.42 4.44 -20.40
CA ALA D 86 24.99 3.30 -19.57
C ALA D 86 23.94 2.46 -20.29
N PHE D 87 22.99 3.15 -20.96
CA PHE D 87 22.02 2.40 -21.76
C PHE D 87 22.69 1.71 -22.93
N THR D 88 23.59 2.42 -23.63
CA THR D 88 24.24 1.80 -24.77
C THR D 88 25.06 0.59 -24.34
N GLU D 89 25.69 0.66 -23.15
CA GLU D 89 26.47 -0.46 -22.65
C GLU D 89 25.62 -1.71 -22.49
N VAL D 90 24.33 -1.55 -22.11
CA VAL D 90 23.45 -2.75 -22.11
C VAL D 90 23.47 -3.44 -23.45
N VAL D 91 23.32 -2.65 -24.52
CA VAL D 91 23.25 -3.20 -25.87
C VAL D 91 24.60 -3.77 -26.28
N ARG D 92 25.69 -3.10 -25.91
CA ARG D 92 27.02 -3.66 -26.20
C ARG D 92 27.12 -5.07 -25.65
N ARG D 93 26.61 -5.27 -24.43
CA ARG D 93 26.76 -6.57 -23.77
C ARG D 93 25.79 -7.62 -24.29
N CYS D 94 24.60 -7.25 -24.77
CA CYS D 94 23.54 -8.21 -25.11
CA CYS D 94 23.67 -8.32 -25.13
C CYS D 94 23.35 -8.42 -26.60
N HIS D 95 23.81 -7.50 -27.46
CA HIS D 95 23.32 -7.50 -28.83
C HIS D 95 23.65 -8.78 -29.58
N ASP D 96 24.70 -9.51 -29.20
CA ASP D 96 25.09 -10.70 -29.97
C ASP D 96 24.12 -11.85 -29.76
N THR D 97 23.29 -11.80 -28.71
CA THR D 97 22.39 -12.93 -28.42
C THR D 97 20.92 -12.55 -28.38
N LEU D 98 20.56 -11.35 -28.84
CA LEU D 98 19.16 -11.00 -29.00
C LEU D 98 19.01 -10.08 -30.20
N ASN D 99 17.76 -9.81 -30.57
CA ASN D 99 17.47 -8.86 -31.62
C ASN D 99 17.31 -7.49 -30.98
N PHE D 100 18.04 -6.49 -31.48
CA PHE D 100 17.97 -5.14 -30.92
C PHE D 100 17.30 -4.20 -31.92
N ASN D 101 16.38 -3.37 -31.43
CA ASN D 101 15.79 -2.35 -32.27
C ASN D 101 15.62 -1.09 -31.42
N TYR D 102 15.35 0.03 -32.08
CA TYR D 102 15.14 1.28 -31.36
C TYR D 102 14.30 2.22 -32.21
N SER D 103 13.72 3.22 -31.54
CA SER D 103 12.87 4.21 -32.20
C SER D 103 12.78 5.44 -31.30
N GLY D 104 12.13 6.48 -31.82
CA GLY D 104 11.85 7.64 -31.00
C GLY D 104 12.13 8.93 -31.75
N THR D 105 12.22 10.02 -30.96
CA THR D 105 12.52 11.35 -31.50
C THR D 105 14.03 11.45 -31.65
N LEU D 106 14.55 10.87 -32.73
CA LEU D 106 15.99 10.69 -32.80
C LEU D 106 16.75 12.01 -32.96
N GLU D 107 16.08 13.05 -33.45
CA GLU D 107 16.79 14.31 -33.66
C GLU D 107 17.31 14.95 -32.38
N VAL D 108 16.76 14.60 -31.20
CA VAL D 108 17.28 15.18 -29.96
C VAL D 108 18.38 14.33 -29.34
N VAL D 109 18.69 13.17 -29.90
CA VAL D 109 19.74 12.30 -29.36
C VAL D 109 21.08 12.70 -29.94
N PRO D 110 22.14 12.95 -29.14
CA PRO D 110 23.42 13.28 -29.77
C PRO D 110 23.83 12.22 -30.78
N GLU D 111 24.38 12.68 -31.91
CA GLU D 111 24.65 11.79 -33.04
C GLU D 111 25.58 10.64 -32.64
N ARG D 112 26.53 10.90 -31.73
CA ARG D 112 27.46 9.85 -31.29
CA ARG D 112 27.46 9.85 -31.31
C ARG D 112 26.74 8.60 -30.81
N TRP D 113 25.65 8.78 -30.05
CA TRP D 113 24.92 7.61 -29.58
C TRP D 113 24.11 6.96 -30.69
N LEU D 114 23.49 7.76 -31.56
CA LEU D 114 22.73 7.20 -32.69
C LEU D 114 23.63 6.34 -33.56
N THR D 115 24.86 6.82 -33.83
CA THR D 115 25.76 6.07 -34.70
C THR D 115 26.07 4.72 -34.08
N GLU D 116 26.38 4.73 -32.77
CA GLU D 116 26.73 3.46 -32.14
C GLU D 116 25.52 2.52 -32.06
N LEU D 117 24.35 3.05 -31.69
CA LEU D 117 23.18 2.17 -31.57
C LEU D 117 22.75 1.61 -32.92
N GLU D 118 22.88 2.41 -33.99
CA GLU D 118 22.59 1.91 -35.32
C GLU D 118 23.51 0.75 -35.70
N ALA D 119 24.82 0.86 -35.38
CA ALA D 119 25.73 -0.24 -35.68
C ALA D 119 25.41 -1.48 -34.86
N LEU D 120 25.05 -1.28 -33.58
CA LEU D 120 24.68 -2.41 -32.72
C LEU D 120 23.40 -3.09 -33.21
N ARG D 121 22.41 -2.29 -33.65
CA ARG D 121 21.20 -2.88 -34.21
C ARG D 121 21.55 -3.73 -35.42
N ALA D 122 22.40 -3.19 -36.31
CA ALA D 122 22.68 -3.89 -37.57
C ALA D 122 23.39 -5.20 -37.33
N LYS D 123 24.24 -5.27 -36.30
CA LYS D 123 24.95 -6.53 -36.04
C LYS D 123 24.30 -7.40 -34.99
N SER D 124 23.14 -7.02 -34.43
CA SER D 124 22.49 -7.87 -33.44
C SER D 124 21.94 -9.15 -34.10
N ASP D 125 21.51 -10.09 -33.27
CA ASP D 125 21.06 -11.41 -33.72
C ASP D 125 19.62 -11.30 -34.21
N SER D 126 19.47 -11.04 -35.50
CA SER D 126 18.17 -10.89 -36.12
C SER D 126 17.33 -12.18 -36.07
N GLN D 127 17.95 -13.33 -35.79
CA GLN D 127 17.25 -14.63 -35.72
C GLN D 127 16.70 -14.91 -34.34
N SER D 128 16.94 -14.03 -33.39
CA SER D 128 16.48 -14.27 -32.03
C SER D 128 14.97 -14.15 -31.93
N ASP D 129 14.36 -15.03 -31.15
CA ASP D 129 12.95 -14.87 -30.89
C ASP D 129 12.65 -13.84 -29.82
N PHE D 130 13.66 -13.14 -29.32
CA PHE D 130 13.51 -12.14 -28.26
C PHE D 130 14.13 -10.83 -28.72
N THR D 131 13.42 -9.73 -28.49
CA THR D 131 13.86 -8.41 -28.92
C THR D 131 13.96 -7.51 -27.70
N LEU D 132 15.08 -6.79 -27.60
CA LEU D 132 15.23 -5.64 -26.73
C LEU D 132 15.02 -4.41 -27.58
N HIS D 133 14.08 -3.54 -27.19
CA HIS D 133 13.75 -2.36 -27.98
C HIS D 133 13.84 -1.12 -27.13
N PHE D 134 14.74 -0.21 -27.50
CA PHE D 134 14.93 1.07 -26.80
C PHE D 134 14.08 2.15 -27.46
N ILE D 135 13.35 2.94 -26.66
CA ILE D 135 12.72 4.15 -27.20
C ILE D 135 13.41 5.36 -26.59
N MET D 136 13.83 6.30 -27.45
CA MET D 136 14.56 7.50 -27.05
C MET D 136 13.78 8.75 -27.42
N GLY D 137 13.97 9.81 -26.64
CA GLY D 137 13.28 11.06 -26.93
C GLY D 137 11.78 10.93 -26.92
N MET D 138 11.26 10.18 -25.95
CA MET D 138 9.82 10.03 -25.90
C MET D 138 9.12 11.34 -25.54
N SER D 139 7.97 11.53 -26.16
CA SER D 139 7.10 12.69 -25.97
C SER D 139 5.96 12.55 -26.94
N LEU D 140 4.72 12.46 -26.47
CA LEU D 140 3.60 12.25 -27.38
C LEU D 140 3.49 13.39 -28.37
N ALA D 141 3.70 14.62 -27.90
CA ALA D 141 3.61 15.77 -28.81
C ALA D 141 4.62 15.65 -29.95
N HIS D 142 5.87 15.33 -29.62
CA HIS D 142 6.89 15.23 -30.67
C HIS D 142 6.60 14.06 -31.59
N GLU D 143 6.11 12.97 -31.03
CA GLU D 143 5.73 11.80 -31.80
C GLU D 143 4.65 12.14 -32.83
N VAL D 144 3.59 12.81 -32.37
CA VAL D 144 2.50 13.18 -33.25
C VAL D 144 2.95 14.17 -34.31
N ILE D 145 3.73 15.18 -33.90
CA ILE D 145 4.20 16.18 -34.88
C ILE D 145 5.05 15.51 -35.95
N GLY D 146 5.90 14.55 -35.57
CA GLY D 146 6.73 13.88 -36.56
C GLY D 146 5.90 13.10 -37.56
N ILE D 147 4.87 12.41 -37.06
CA ILE D 147 4.00 11.66 -37.95
C ILE D 147 3.25 12.60 -38.87
N PHE D 148 2.70 13.70 -38.32
CA PHE D 148 2.02 14.66 -39.18
C PHE D 148 2.95 15.17 -40.26
N ASN D 149 4.14 15.60 -39.87
CA ASN D 149 5.02 16.24 -40.86
C ASN D 149 5.47 15.25 -41.91
N LYS D 150 5.60 13.98 -41.55
CA LYS D 150 5.94 12.95 -42.54
C LYS D 150 4.84 12.79 -43.57
N PHE D 151 3.60 12.70 -43.13
CA PHE D 151 2.53 12.29 -44.03
C PHE D 151 1.71 13.45 -44.59
N ASN D 152 1.92 14.68 -44.11
CA ASN D 152 1.17 15.86 -44.48
C ASN D 152 1.08 16.04 -46.00
N GLY D 153 -0.15 16.01 -46.51
CA GLY D 153 -0.35 16.23 -47.94
C GLY D 153 -0.02 15.05 -48.79
N LYS D 154 0.36 13.91 -48.21
CA LYS D 154 0.84 12.77 -48.97
CA LYS D 154 0.83 12.77 -48.98
C LYS D 154 -0.08 11.56 -48.88
N ILE D 155 -1.10 11.61 -48.01
CA ILE D 155 -2.13 10.58 -47.92
C ILE D 155 -3.47 11.28 -47.83
N PRO D 156 -4.56 10.59 -48.14
CA PRO D 156 -5.86 11.26 -48.07
C PRO D 156 -6.32 11.44 -46.64
N ALA D 157 -5.90 10.56 -45.74
CA ALA D 157 -6.32 10.66 -44.35
C ALA D 157 -5.43 9.73 -43.53
N LEU D 158 -5.21 10.09 -42.27
CA LEU D 158 -4.47 9.17 -41.42
C LEU D 158 -5.43 8.08 -40.95
N THR D 159 -4.98 6.84 -41.05
CA THR D 159 -5.77 5.71 -40.60
C THR D 159 -5.18 5.15 -39.32
N GLU D 160 -5.99 4.37 -38.60
CA GLU D 160 -5.43 3.73 -37.41
C GLU D 160 -4.29 2.78 -37.77
N GLU D 161 -4.37 2.11 -38.92
CA GLU D 161 -3.30 1.21 -39.37
C GLU D 161 -1.99 1.97 -39.61
N LEU D 162 -2.07 3.10 -40.32
CA LEU D 162 -0.87 3.90 -40.60
C LEU D 162 -0.30 4.47 -39.31
N LEU D 163 -1.18 4.91 -38.42
CA LEU D 163 -0.70 5.44 -37.14
C LEU D 163 0.04 4.35 -36.37
N ALA D 164 -0.57 3.16 -36.27
CA ALA D 164 0.09 2.06 -35.55
C ALA D 164 1.43 1.71 -36.18
N ALA D 165 1.52 1.78 -37.51
CA ALA D 165 2.76 1.43 -38.17
C ALA D 165 3.84 2.50 -38.07
N ASN D 166 3.51 3.70 -37.55
CA ASN D 166 4.48 4.76 -37.45
C ASN D 166 4.71 5.25 -36.03
N ALA D 167 3.98 4.74 -35.06
CA ALA D 167 4.21 5.14 -33.68
C ALA D 167 5.54 4.59 -33.20
N TYR D 168 6.12 5.25 -32.22
CA TYR D 168 7.42 4.82 -31.71
C TYR D 168 7.39 3.39 -31.18
N VAL D 169 6.40 3.06 -30.36
CA VAL D 169 6.23 1.71 -29.85
C VAL D 169 5.39 0.97 -30.88
N PRO D 170 5.91 -0.06 -31.54
CA PRO D 170 5.27 -0.60 -32.75
C PRO D 170 4.13 -1.58 -32.51
N GLU D 171 3.68 -1.79 -31.27
CA GLU D 171 2.56 -2.65 -30.95
C GLU D 171 1.97 -2.17 -29.65
N PRO D 172 0.76 -2.61 -29.31
CA PRO D 172 0.21 -2.29 -27.98
C PRO D 172 1.03 -2.95 -26.89
N VAL D 173 1.29 -2.20 -25.82
CA VAL D 173 2.05 -2.71 -24.69
C VAL D 173 1.12 -3.45 -23.74
N ASP D 174 1.53 -4.64 -23.32
CA ASP D 174 0.67 -5.41 -22.41
C ASP D 174 0.80 -4.87 -20.99
N PHE D 175 2.04 -4.72 -20.53
CA PHE D 175 2.37 -4.47 -19.13
C PHE D 175 3.43 -3.39 -19.08
N LEU D 176 3.28 -2.46 -18.16
CA LEU D 176 4.29 -1.43 -17.95
C LEU D 176 4.64 -1.42 -16.48
N ILE D 177 5.94 -1.40 -16.16
CA ILE D 177 6.47 -1.37 -14.79
C ILE D 177 7.26 -0.10 -14.62
N ARG D 178 6.96 0.64 -13.55
CA ARG D 178 7.79 1.80 -13.19
C ARG D 178 8.22 1.68 -11.73
N PRO D 179 9.45 1.31 -11.48
CA PRO D 179 9.98 1.36 -10.11
C PRO D 179 10.34 2.79 -9.73
N GLY D 180 10.79 2.96 -8.49
CA GLY D 180 11.30 4.27 -8.08
C GLY D 180 10.30 5.18 -7.40
N GLY D 181 9.08 4.73 -7.19
CA GLY D 181 8.15 5.43 -6.33
C GLY D 181 7.27 6.48 -6.97
N HIS D 182 7.56 6.93 -8.19
CA HIS D 182 6.73 7.97 -8.79
C HIS D 182 5.63 7.38 -9.64
N VAL D 183 4.39 7.84 -9.40
CA VAL D 183 3.22 7.32 -10.13
C VAL D 183 2.86 8.35 -11.17
N ARG D 184 3.57 8.28 -12.30
CA ARG D 184 3.46 9.24 -13.38
C ARG D 184 4.14 8.59 -14.58
N MET D 185 3.82 9.11 -15.77
CA MET D 185 4.43 8.56 -16.98
C MET D 185 5.62 9.36 -17.48
N SER D 186 5.78 10.64 -17.09
CA SER D 186 6.99 11.43 -17.36
C SER D 186 7.45 11.42 -18.82
N SER D 187 6.50 11.54 -19.73
CA SER D 187 6.71 11.62 -21.19
C SER D 187 6.92 10.24 -21.81
N PHE D 188 6.75 9.16 -21.05
CA PHE D 188 7.03 7.80 -21.55
C PHE D 188 5.79 7.01 -21.90
N TYR D 189 4.60 7.63 -21.89
CA TYR D 189 3.41 6.86 -22.14
C TYR D 189 3.44 6.29 -23.57
N PRO D 190 3.12 5.01 -23.75
CA PRO D 190 3.08 4.41 -25.10
C PRO D 190 1.74 4.68 -25.81
N LEU D 191 1.82 5.45 -26.91
CA LEU D 191 0.65 6.03 -27.56
C LEU D 191 -0.46 5.01 -27.86
N MET D 192 -0.10 3.87 -28.45
CA MET D 192 -1.09 2.92 -28.97
C MET D 192 -1.41 1.79 -28.02
N SER D 193 -1.44 2.06 -26.70
CA SER D 193 -1.69 1.03 -25.70
C SER D 193 -2.92 1.31 -24.85
N PRO D 194 -4.12 1.36 -25.43
CA PRO D 194 -5.32 1.63 -24.60
C PRO D 194 -5.60 0.57 -23.58
N PHE D 195 -5.09 -0.65 -23.74
CA PHE D 195 -5.40 -1.71 -22.78
C PHE D 195 -4.19 -2.09 -21.95
N ALA D 196 -3.15 -1.26 -21.94
CA ALA D 196 -1.99 -1.57 -21.09
C ALA D 196 -2.36 -1.57 -19.61
N GLU D 197 -1.80 -2.52 -18.88
CA GLU D 197 -1.87 -2.50 -17.42
C GLU D 197 -0.59 -1.92 -16.83
N MET D 198 -0.73 -1.06 -15.83
CA MET D 198 0.42 -0.39 -15.22
C MET D 198 0.70 -0.89 -13.81
N TYR D 199 1.97 -0.98 -13.47
CA TYR D 199 2.40 -1.38 -12.14
C TYR D 199 3.48 -0.43 -11.67
N PHE D 200 3.31 0.09 -10.45
CA PHE D 200 4.27 1.01 -9.84
C PHE D 200 4.76 0.40 -8.55
N CYS D 201 6.04 0.61 -8.24
CA CYS D 201 6.52 0.17 -6.93
C CYS D 201 7.57 1.15 -6.44
N PRO D 202 7.75 1.24 -5.13
CA PRO D 202 8.69 2.24 -4.60
C PRO D 202 10.15 1.85 -4.76
N THR D 203 10.45 0.56 -4.85
CA THR D 203 11.83 0.08 -4.94
C THR D 203 12.58 0.81 -6.04
N LEU D 204 13.75 1.38 -5.70
CA LEU D 204 14.58 1.95 -6.76
C LEU D 204 15.01 0.85 -7.75
N LEU D 205 15.16 1.23 -9.03
CA LEU D 205 15.50 0.20 -10.03
C LEU D 205 16.72 -0.62 -9.58
N ASN D 206 17.76 0.05 -9.07
CA ASN D 206 19.00 -0.68 -8.79
C ASN D 206 18.87 -1.60 -7.59
N ASP D 207 17.75 -1.49 -6.84
CA ASP D 207 17.49 -2.40 -5.74
C ASP D 207 16.54 -3.54 -6.11
N MET D 208 15.97 -3.54 -7.32
CA MET D 208 14.99 -4.56 -7.64
CA MET D 208 14.99 -4.56 -7.68
C MET D 208 15.63 -5.93 -7.79
N THR D 209 15.04 -6.91 -7.12
CA THR D 209 15.45 -8.29 -7.23
C THR D 209 14.56 -9.05 -8.19
N ARG D 210 14.97 -10.28 -8.54
CA ARG D 210 14.11 -11.12 -9.36
CA ARG D 210 14.08 -11.08 -9.36
C ARG D 210 12.77 -11.35 -8.65
N ALA D 211 12.80 -11.49 -7.33
CA ALA D 211 11.53 -11.67 -6.62
C ALA D 211 10.62 -10.46 -6.78
N ASP D 212 11.18 -9.25 -6.72
CA ASP D 212 10.39 -8.03 -6.94
C ASP D 212 9.75 -8.04 -8.33
N PHE D 213 10.53 -8.44 -9.34
CA PHE D 213 10.02 -8.58 -10.70
C PHE D 213 8.91 -9.61 -10.76
N ASP D 214 9.13 -10.78 -10.13
CA ASP D 214 8.13 -11.83 -10.17
C ASP D 214 6.83 -11.40 -9.52
N VAL D 215 6.89 -10.67 -8.39
CA VAL D 215 5.62 -10.28 -7.78
C VAL D 215 4.95 -9.16 -8.57
N ALA D 216 5.74 -8.33 -9.28
CA ALA D 216 5.14 -7.39 -10.22
C ALA D 216 4.35 -8.12 -11.29
N LEU D 217 4.93 -9.20 -11.83
CA LEU D 217 4.24 -9.95 -12.88
C LEU D 217 3.01 -10.66 -12.32
N GLU D 218 3.07 -11.13 -11.07
CA GLU D 218 1.87 -11.72 -10.49
C GLU D 218 0.74 -10.70 -10.46
N ASP D 219 1.05 -9.48 -10.01
CA ASP D 219 0.07 -8.41 -9.91
C ASP D 219 -0.50 -8.09 -11.28
N LEU D 220 0.38 -7.97 -12.26
CA LEU D 220 -0.07 -7.62 -13.62
C LEU D 220 -0.91 -8.74 -14.25
N ARG D 221 -0.48 -9.98 -14.09
CA ARG D 221 -1.14 -11.10 -14.76
C ARG D 221 -2.46 -11.48 -14.11
N GLU D 222 -2.63 -11.16 -12.83
CA GLU D 222 -3.86 -11.48 -12.11
C GLU D 222 -5.02 -10.59 -12.54
N ARG D 223 -4.75 -9.51 -13.25
CA ARG D 223 -5.85 -8.58 -13.54
C ARG D 223 -6.79 -9.15 -14.59
N ASP D 224 -6.29 -9.96 -15.53
CA ASP D 224 -7.17 -10.80 -16.36
C ASP D 224 -6.40 -11.86 -17.16
MG MG E . -9.70 -16.86 8.53
P1 POP F . -9.83 -19.95 7.16
O1 POP F . -10.47 -21.26 7.61
O2 POP F . -9.99 -18.94 8.28
O3 POP F . -8.38 -20.22 6.86
O POP F . -10.65 -19.48 5.83
P2 POP F . -10.92 -17.94 5.40
O4 POP F . -10.94 -17.82 3.91
O5 POP F . -12.22 -17.52 6.04
O6 POP F . -9.81 -17.04 5.89
S SO4 G . -9.38 -14.80 12.38
O1 SO4 G . -8.62 -16.03 12.46
O2 SO4 G . -10.15 -14.81 11.12
O3 SO4 G . -10.34 -14.71 13.48
O4 SO4 G . -8.50 -13.65 12.35
S SO4 H . 12.69 4.48 10.06
O1 SO4 H . 13.61 3.35 10.21
O2 SO4 H . 11.70 4.23 9.01
O3 SO4 H . 11.96 4.64 11.33
O4 SO4 H . 13.46 5.70 9.75
MG MG I . 9.56 5.43 17.46
P1 POP J . 9.60 8.38 18.74
O1 POP J . 8.22 8.82 18.37
O2 POP J . 9.73 6.89 18.99
O3 POP J . 10.07 9.12 20.00
O POP J . 10.57 8.85 17.51
P2 POP J . 11.02 7.96 16.22
O4 POP J . 9.95 6.88 16.04
O5 POP J . 12.38 7.38 16.59
O6 POP J . 11.01 8.86 15.03
P1 POP K . 10.08 0.89 18.25
O1 POP K . 10.22 1.60 16.95
O2 POP K . 9.90 -0.59 18.11
O3 POP K . 11.28 1.08 19.11
O POP K . 8.83 1.43 19.02
P2 POP K . 8.52 2.82 19.79
O4 POP K . 7.02 3.02 19.55
O5 POP K . 8.72 2.65 21.30
O6 POP K . 9.23 3.98 19.10
MG MG L . -14.33 0.19 -15.19
P1 POP M . -18.27 1.36 -14.81
O1 POP M . -19.36 1.43 -15.87
O2 POP M . -16.96 1.16 -15.55
O3 POP M . -18.23 2.67 -14.06
O POP M . -18.63 0.07 -13.86
P2 POP M . -17.52 -0.88 -13.13
O4 POP M . -17.33 -2.12 -13.97
O5 POP M . -17.92 -1.24 -11.75
O6 POP M . -16.22 -0.10 -13.03
S SO4 N . -11.69 0.62 -18.25
O1 SO4 N . -10.71 0.11 -19.17
O2 SO4 N . -12.49 1.69 -18.81
O3 SO4 N . -12.52 -0.44 -17.67
O4 SO4 N . -10.88 1.18 -17.18
S SO4 O . 11.68 11.52 -4.36
O1 SO4 O . 12.14 11.17 -5.71
O2 SO4 O . 10.84 10.44 -3.87
O3 SO4 O . 10.94 12.78 -4.44
O4 SO4 O . 12.80 11.69 -3.41
MG MG P . 13.98 10.00 -12.01
P1 POP Q . 17.01 9.08 -12.49
O1 POP Q . 15.79 9.88 -12.97
O2 POP Q . 16.80 7.58 -12.52
O3 POP Q . 18.25 9.46 -13.25
O POP Q . 17.34 9.52 -10.96
P2 POP Q . 16.26 9.97 -9.83
O4 POP Q . 14.90 9.47 -10.29
O5 POP Q . 16.27 11.48 -9.85
O6 POP Q . 16.66 9.33 -8.54
P1 POP R . 10.42 12.49 -13.58
O1 POP R . 8.99 12.88 -13.82
O2 POP R . 11.29 13.64 -13.80
O3 POP R . 10.61 11.95 -12.20
O POP R . 10.78 11.31 -14.55
P2 POP R . 12.18 10.72 -15.12
O4 POP R . 12.60 11.34 -16.47
O5 POP R . 11.83 9.26 -15.42
O6 POP R . 13.18 10.68 -13.94
#